data_8PA2
#
_entry.id   8PA2
#
_cell.length_a   70.981
_cell.length_b   92.937
_cell.length_c   79.601
_cell.angle_alpha   90.00
_cell.angle_beta   107.87
_cell.angle_gamma   90.00
#
_symmetry.space_group_name_H-M   'P 1 21 1'
#
loop_
_entity.id
_entity.type
_entity.pdbx_description
1 polymer 'Oxidoreductase, short-chain dehydrogenase/reductase family'
2 non-polymer NICOTINAMIDE-ADENINE-DINUCLEOTIDE
3 non-polymer 2-[3-(2-HYDROXY-1,1-DIHYDROXYMETHYL-ETHYLAMINO)-PROPYLAMINO]-2-HYDROXYMETHYL-PROPANE-1,3-DIOL
4 non-polymer GLYCEROL
5 water water
#
_entity_poly.entity_id   1
_entity_poly.type   'polypeptide(L)'
_entity_poly.pdbx_seq_one_letter_code
;MGHHHHHHMGLFAGKGVLVTGGARGIGRAIAQAFAREGALVALCDLRPEGKEVAEAIGGAFFQVDLEDERERVRFVEEAA
YALGRVDVLVNNAAIAAPGSALTVRLPEWRRVLEVNLTAPMHLSALAAREMRKPGPGAIVNVASYLGLFAEQENAAYNAS
KGGLVNLTRSLALDLAPLRIRVNAVAPGFIATEALLELIALSPDPERTRRDMEDLHALRRLGKPEEVAEAVLFLASEKAS
FITGAILPVDGGLTASFMMAGRPV
;
_entity_poly.pdbx_strand_id   A,B,C,D
#
loop_
_chem_comp.id
_chem_comp.type
_chem_comp.name
_chem_comp.formula
B3P non-polymer 2-[3-(2-HYDROXY-1,1-DIHYDROXYMETHYL-ETHYLAMINO)-PROPYLAMINO]-2-HYDROXYMETHYL-PROPANE-1,3-DIOL 'C11 H26 N2 O6'
GOL non-polymer GLYCEROL 'C3 H8 O3'
NAD non-polymer NICOTINAMIDE-ADENINE-DINUCLEOTIDE 'C21 H27 N7 O14 P2'
#
# COMPACT_ATOMS: atom_id res chain seq x y z
N MET A 9 -11.67 12.54 35.27
CA MET A 9 -12.84 11.66 34.89
C MET A 9 -12.56 10.99 33.52
N GLY A 10 -12.41 11.78 32.46
CA GLY A 10 -12.39 11.33 31.05
C GLY A 10 -11.03 11.41 30.35
N LEU A 11 -10.99 10.82 29.15
CA LEU A 11 -9.77 10.58 28.35
C LEU A 11 -9.13 11.90 27.92
N PHE A 12 -9.90 12.99 27.84
CA PHE A 12 -9.39 14.30 27.36
C PHE A 12 -9.79 15.40 28.35
N ALA A 13 -9.97 15.01 29.61
CA ALA A 13 -10.40 15.91 30.71
C ALA A 13 -9.45 17.09 30.75
N GLY A 14 -9.96 18.30 30.46
CA GLY A 14 -9.21 19.56 30.56
C GLY A 14 -8.30 19.79 29.37
N LYS A 15 -8.38 18.96 28.33
CA LYS A 15 -7.56 19.16 27.09
C LYS A 15 -8.30 20.11 26.16
N GLY A 16 -7.54 20.95 25.45
CA GLY A 16 -8.08 21.81 24.37
C GLY A 16 -8.02 21.06 23.05
N VAL A 17 -9.15 20.97 22.36
CA VAL A 17 -9.28 20.23 21.08
C VAL A 17 -9.85 21.17 20.02
N LEU A 18 -9.13 21.33 18.91
CA LEU A 18 -9.59 22.09 17.73
C LEU A 18 -10.13 21.10 16.71
N VAL A 19 -11.34 21.32 16.23
CA VAL A 19 -12.04 20.47 15.23
C VAL A 19 -12.49 21.36 14.10
N THR A 20 -11.98 21.13 12.89
CA THR A 20 -12.43 21.93 11.71
C THR A 20 -13.66 21.25 11.16
N GLY A 21 -14.57 22.02 10.55
CA GLY A 21 -15.81 21.48 9.93
C GLY A 21 -16.71 20.82 10.95
N GLY A 22 -16.83 21.40 12.15
CA GLY A 22 -17.57 20.80 13.28
C GLY A 22 -19.07 21.05 13.26
N ALA A 23 -19.61 21.76 12.27
CA ALA A 23 -21.03 22.16 12.24
C ALA A 23 -21.94 20.94 12.06
N ARG A 24 -21.48 19.92 11.32
CA ARG A 24 -22.30 18.71 11.10
C ARG A 24 -21.42 17.51 10.75
N GLY A 25 -22.08 16.37 10.49
CA GLY A 25 -21.46 15.14 9.97
C GLY A 25 -20.39 14.67 10.93
N ILE A 26 -19.27 14.20 10.38
CA ILE A 26 -18.18 13.58 11.17
C ILE A 26 -17.59 14.63 12.12
N GLY A 27 -17.36 15.86 11.65
CA GLY A 27 -16.81 16.91 12.52
C GLY A 27 -17.66 17.13 13.76
N ARG A 28 -18.98 17.18 13.61
CA ARG A 28 -19.90 17.36 14.77
C ARG A 28 -19.75 16.17 15.71
N ALA A 29 -19.76 14.95 15.16
CA ALA A 29 -19.60 13.72 15.96
C ALA A 29 -18.26 13.74 16.70
N ILE A 30 -17.21 14.22 16.06
CA ILE A 30 -15.86 14.32 16.68
C ILE A 30 -15.92 15.32 17.84
N ALA A 31 -16.46 16.52 17.60
CA ALA A 31 -16.58 17.56 18.65
C ALA A 31 -17.38 16.99 19.84
N GLN A 32 -18.50 16.29 19.61
CA GLN A 32 -19.31 15.69 20.70
C GLN A 32 -18.52 14.63 21.46
N ALA A 33 -17.79 13.76 20.75
CA ALA A 33 -17.04 12.66 21.37
C ALA A 33 -15.94 13.26 22.25
N PHE A 34 -15.21 14.26 21.78
CA PHE A 34 -14.17 14.92 22.63
C PHE A 34 -14.81 15.54 23.89
N ALA A 35 -15.96 16.20 23.77
CA ALA A 35 -16.66 16.90 24.89
C ALA A 35 -17.16 15.85 25.88
N ARG A 36 -17.70 14.73 25.39
CA ARG A 36 -18.10 13.59 26.26
C ARG A 36 -16.89 13.16 27.11
N GLU A 37 -15.65 13.24 26.59
CA GLU A 37 -14.44 12.76 27.31
C GLU A 37 -13.78 13.92 28.05
N GLY A 38 -14.49 15.04 28.24
CA GLY A 38 -14.09 16.15 29.12
C GLY A 38 -13.23 17.19 28.45
N ALA A 39 -13.17 17.21 27.12
CA ALA A 39 -12.33 18.18 26.39
C ALA A 39 -13.04 19.54 26.36
N LEU A 40 -12.26 20.61 26.35
CA LEU A 40 -12.70 21.95 25.90
C LEU A 40 -12.53 22.00 24.38
N VAL A 41 -13.63 22.04 23.64
CA VAL A 41 -13.62 21.93 22.15
C VAL A 41 -13.85 23.29 21.53
N ALA A 42 -12.96 23.71 20.65
CA ALA A 42 -13.16 24.83 19.72
C ALA A 42 -13.37 24.23 18.34
N LEU A 43 -14.57 24.37 17.79
CA LEU A 43 -14.87 23.93 16.41
C LEU A 43 -15.04 25.17 15.54
N CYS A 44 -14.69 25.05 14.26
CA CYS A 44 -14.93 26.12 13.28
C CYS A 44 -15.76 25.54 12.14
N ASP A 45 -16.41 26.43 11.39
CA ASP A 45 -17.18 26.03 10.19
C ASP A 45 -17.62 27.30 9.46
N LEU A 46 -17.98 27.18 8.19
CA LEU A 46 -18.62 28.27 7.44
C LEU A 46 -20.10 28.31 7.84
N ARG A 47 -20.67 27.18 8.24
CA ARG A 47 -22.12 26.98 8.53
C ARG A 47 -22.43 27.49 9.93
N PRO A 48 -23.45 28.38 10.07
CA PRO A 48 -23.77 29.02 11.35
C PRO A 48 -24.28 28.07 12.44
N GLU A 49 -24.83 26.90 12.06
CA GLU A 49 -25.37 25.88 13.00
C GLU A 49 -24.24 25.33 13.87
N GLY A 50 -22.97 25.58 13.53
CA GLY A 50 -21.83 25.22 14.39
C GLY A 50 -21.93 25.90 15.74
N LYS A 51 -22.54 27.09 15.81
CA LYS A 51 -22.79 27.83 17.08
C LYS A 51 -23.55 26.92 18.05
N GLU A 52 -24.61 26.27 17.59
CA GLU A 52 -25.48 25.42 18.44
C GLU A 52 -24.70 24.18 18.86
N VAL A 53 -23.85 23.62 17.98
CA VAL A 53 -23.05 22.41 18.33
C VAL A 53 -22.15 22.80 19.51
N ALA A 54 -21.47 23.94 19.45
CA ALA A 54 -20.59 24.45 20.54
C ALA A 54 -21.36 24.68 21.84
N GLU A 55 -22.50 25.39 21.76
CA GLU A 55 -23.38 25.68 22.92
C GLU A 55 -23.76 24.37 23.62
N ALA A 56 -24.19 23.37 22.84
CA ALA A 56 -24.71 22.09 23.37
C ALA A 56 -23.60 21.31 24.08
N ILE A 57 -22.32 21.50 23.72
CA ILE A 57 -21.21 20.65 24.28
C ILE A 57 -20.34 21.47 25.23
N GLY A 58 -20.62 22.76 25.40
CA GLY A 58 -19.85 23.62 26.32
C GLY A 58 -18.55 24.10 25.69
N GLY A 59 -18.48 24.09 24.35
CA GLY A 59 -17.26 24.48 23.62
C GLY A 59 -17.39 25.87 23.03
N ALA A 60 -16.42 26.28 22.22
CA ALA A 60 -16.41 27.57 21.51
C ALA A 60 -16.62 27.33 20.01
N PHE A 61 -17.36 28.21 19.35
CA PHE A 61 -17.59 28.19 17.89
C PHE A 61 -16.92 29.40 17.25
N PHE A 62 -16.27 29.18 16.11
CA PHE A 62 -15.63 30.23 15.30
C PHE A 62 -16.11 30.02 13.87
N GLN A 63 -16.79 31.01 13.32
CA GLN A 63 -17.20 30.98 11.90
C GLN A 63 -15.99 31.40 11.07
N VAL A 64 -15.52 30.53 10.19
CA VAL A 64 -14.15 30.61 9.61
C VAL A 64 -14.19 30.00 8.21
N ASP A 65 -13.66 30.74 7.22
CA ASP A 65 -13.45 30.21 5.86
C ASP A 65 -12.02 29.66 5.80
N LEU A 66 -11.84 28.35 5.93
CA LEU A 66 -10.51 27.71 5.98
C LEU A 66 -9.76 27.84 4.63
N GLU A 67 -10.42 28.29 3.57
CA GLU A 67 -9.74 28.65 2.30
C GLU A 67 -8.72 29.79 2.53
N ASP A 68 -9.02 30.70 3.46
CA ASP A 68 -8.28 31.98 3.69
C ASP A 68 -7.22 31.77 4.79
N GLU A 69 -5.94 31.97 4.45
CA GLU A 69 -4.82 31.73 5.39
C GLU A 69 -4.92 32.67 6.61
N ARG A 70 -5.45 33.88 6.43
CA ARG A 70 -5.60 34.85 7.56
C ARG A 70 -6.61 34.27 8.54
N GLU A 71 -7.74 33.75 8.05
CA GLU A 71 -8.80 33.14 8.90
C GLU A 71 -8.28 31.89 9.61
N ARG A 72 -7.32 31.14 9.03
CA ARG A 72 -6.75 29.92 9.70
C ARG A 72 -5.90 30.39 10.87
N VAL A 73 -5.10 31.44 10.66
CA VAL A 73 -4.24 32.04 11.72
C VAL A 73 -5.17 32.53 12.83
N ARG A 74 -6.21 33.29 12.46
CA ARG A 74 -7.18 33.85 13.44
C ARG A 74 -7.83 32.71 14.22
N PHE A 75 -8.28 31.65 13.55
CA PHE A 75 -8.99 30.53 14.21
C PHE A 75 -8.11 29.92 15.32
N VAL A 76 -6.86 29.61 15.02
CA VAL A 76 -5.98 28.87 15.98
C VAL A 76 -5.65 29.82 17.14
N GLU A 77 -5.27 31.07 16.85
CA GLU A 77 -5.02 32.12 17.87
C GLU A 77 -6.24 32.26 18.80
N GLU A 78 -7.43 32.51 18.24
CA GLU A 78 -8.66 32.77 19.04
C GLU A 78 -9.09 31.50 19.78
N ALA A 79 -8.98 30.32 19.15
CA ALA A 79 -9.29 29.03 19.81
C ALA A 79 -8.37 28.83 21.00
N ALA A 80 -7.08 29.02 20.79
CA ALA A 80 -6.01 28.88 21.82
C ALA A 80 -6.33 29.78 23.01
N TYR A 81 -6.63 31.06 22.76
CA TYR A 81 -6.99 32.05 23.81
C TYR A 81 -8.25 31.55 24.54
N ALA A 82 -9.29 31.13 23.83
CA ALA A 82 -10.59 30.73 24.44
C ALA A 82 -10.40 29.47 25.31
N LEU A 83 -9.59 28.50 24.89
CA LEU A 83 -9.47 27.18 25.57
C LEU A 83 -8.41 27.27 26.66
N GLY A 84 -7.39 28.13 26.46
CA GLY A 84 -6.25 28.31 27.38
C GLY A 84 -5.12 27.34 27.08
N ARG A 85 -5.32 26.43 26.12
CA ARG A 85 -4.32 25.43 25.70
C ARG A 85 -4.79 24.74 24.41
N VAL A 86 -3.85 24.19 23.64
CA VAL A 86 -4.16 23.31 22.49
C VAL A 86 -3.40 22.00 22.69
N ASP A 87 -4.13 20.87 22.67
CA ASP A 87 -3.55 19.52 22.85
C ASP A 87 -3.77 18.68 21.59
N VAL A 88 -4.91 18.88 20.91
CA VAL A 88 -5.36 18.08 19.74
C VAL A 88 -5.87 19.04 18.66
N LEU A 89 -5.52 18.75 17.40
CA LEU A 89 -6.17 19.33 16.22
C LEU A 89 -6.76 18.19 15.40
N VAL A 90 -8.01 18.34 14.95
CA VAL A 90 -8.62 17.42 13.94
C VAL A 90 -8.89 18.22 12.68
N ASN A 91 -8.24 17.84 11.58
CA ASN A 91 -8.48 18.41 10.23
C ASN A 91 -9.57 17.57 9.56
N ASN A 92 -10.81 18.00 9.75
CA ASN A 92 -12.00 17.25 9.31
C ASN A 92 -12.61 17.96 8.09
N ALA A 93 -12.57 19.30 8.05
CA ALA A 93 -13.18 20.11 7.00
C ALA A 93 -12.62 19.68 5.65
N ALA A 94 -13.50 19.54 4.65
CA ALA A 94 -13.11 19.20 3.27
C ALA A 94 -14.24 19.57 2.30
N ILE A 95 -13.87 19.81 1.05
CA ILE A 95 -14.83 20.03 -0.07
C ILE A 95 -14.45 19.11 -1.22
N ALA A 96 -15.31 19.03 -2.22
CA ALA A 96 -15.08 18.35 -3.50
C ALA A 96 -15.44 19.33 -4.61
N ALA A 97 -14.94 19.09 -5.82
CA ALA A 97 -15.38 19.78 -7.05
C ALA A 97 -15.65 18.70 -8.10
N PRO A 98 -16.91 18.33 -8.36
CA PRO A 98 -17.20 17.28 -9.34
C PRO A 98 -16.48 17.54 -10.66
N GLY A 99 -15.98 16.47 -11.29
CA GLY A 99 -15.33 16.55 -12.61
C GLY A 99 -14.03 15.77 -12.65
N SER A 100 -13.76 15.18 -13.82
CA SER A 100 -12.43 14.65 -14.22
C SER A 100 -11.46 15.83 -14.40
N ALA A 101 -10.19 15.53 -14.63
CA ALA A 101 -9.19 16.49 -15.16
C ALA A 101 -9.79 17.24 -16.37
N LEU A 102 -10.61 16.56 -17.19
CA LEU A 102 -11.21 17.12 -18.43
C LEU A 102 -12.23 18.21 -18.11
N THR A 103 -12.94 18.08 -17.00
CA THR A 103 -14.23 18.76 -16.71
C THR A 103 -14.05 19.82 -15.62
N VAL A 104 -13.18 19.58 -14.64
CA VAL A 104 -13.02 20.46 -13.45
C VAL A 104 -12.35 21.76 -13.91
N ARG A 105 -12.79 22.89 -13.37
CA ARG A 105 -12.19 24.21 -13.64
C ARG A 105 -11.00 24.41 -12.70
N LEU A 106 -9.94 25.02 -13.20
CA LEU A 106 -8.67 25.20 -12.46
C LEU A 106 -8.90 25.93 -11.13
N PRO A 107 -9.68 27.04 -11.06
CA PRO A 107 -9.89 27.72 -9.77
C PRO A 107 -10.57 26.81 -8.71
N GLU A 108 -11.54 25.99 -9.11
CA GLU A 108 -12.26 25.05 -8.23
C GLU A 108 -11.29 23.97 -7.75
N TRP A 109 -10.50 23.42 -8.67
CA TRP A 109 -9.41 22.45 -8.36
C TRP A 109 -8.47 23.06 -7.30
N ARG A 110 -7.98 24.29 -7.51
CA ARG A 110 -7.04 24.95 -6.56
C ARG A 110 -7.71 25.19 -5.20
N ARG A 111 -8.98 25.58 -5.17
CA ARG A 111 -9.73 25.77 -3.89
C ARG A 111 -9.85 24.42 -3.14
N VAL A 112 -10.13 23.33 -3.83
CA VAL A 112 -10.17 21.99 -3.18
C VAL A 112 -8.80 21.68 -2.60
N LEU A 113 -7.72 21.94 -3.32
CA LEU A 113 -6.33 21.72 -2.82
C LEU A 113 -6.08 22.62 -1.60
N GLU A 114 -6.51 23.88 -1.63
CA GLU A 114 -6.28 24.86 -0.54
C GLU A 114 -7.01 24.38 0.73
N VAL A 115 -8.29 24.01 0.62
CA VAL A 115 -9.10 23.61 1.80
C VAL A 115 -8.67 22.23 2.31
N ASN A 116 -8.44 21.29 1.39
CA ASN A 116 -8.33 19.84 1.73
C ASN A 116 -6.91 19.45 2.08
N LEU A 117 -5.93 20.20 1.58
CA LEU A 117 -4.50 19.81 1.70
C LEU A 117 -3.68 20.96 2.31
N THR A 118 -3.75 22.19 1.78
CA THR A 118 -2.93 23.32 2.28
C THR A 118 -3.41 23.71 3.68
N ALA A 119 -4.71 23.79 3.91
CA ALA A 119 -5.28 24.19 5.23
C ALA A 119 -4.83 23.20 6.30
N PRO A 120 -4.99 21.87 6.14
CA PRO A 120 -4.49 20.93 7.14
C PRO A 120 -2.98 21.12 7.43
N MET A 121 -2.16 21.38 6.43
CA MET A 121 -0.71 21.62 6.61
C MET A 121 -0.54 22.84 7.53
N HIS A 122 -1.20 23.94 7.15
CA HIS A 122 -1.05 25.27 7.76
C HIS A 122 -1.57 25.22 9.20
N LEU A 123 -2.78 24.69 9.39
CA LEU A 123 -3.38 24.51 10.73
C LEU A 123 -2.52 23.60 11.60
N SER A 124 -1.92 22.55 11.03
CA SER A 124 -1.04 21.64 11.79
C SER A 124 0.17 22.43 12.31
N ALA A 125 0.78 23.27 11.49
CA ALA A 125 1.91 24.13 11.87
C ALA A 125 1.47 25.10 12.97
N LEU A 126 0.35 25.80 12.78
CA LEU A 126 -0.16 26.82 13.75
C LEU A 126 -0.46 26.12 15.06
N ALA A 127 -1.17 25.00 15.02
CA ALA A 127 -1.59 24.23 16.20
C ALA A 127 -0.34 23.68 16.92
N ALA A 128 0.64 23.19 16.16
CA ALA A 128 1.87 22.56 16.70
C ALA A 128 2.61 23.59 17.58
N ARG A 129 2.65 24.86 17.15
CA ARG A 129 3.27 25.97 17.91
C ARG A 129 2.59 26.09 19.29
N GLU A 130 1.26 25.89 19.37
CA GLU A 130 0.50 25.99 20.63
C GLU A 130 0.68 24.71 21.48
N MET A 131 1.09 23.59 20.89
CA MET A 131 1.07 22.25 21.55
C MET A 131 2.34 21.97 22.36
N ARG A 132 3.43 22.71 22.12
CA ARG A 132 4.73 22.49 22.83
C ARG A 132 4.54 22.77 24.32
N LYS A 133 3.71 23.77 24.61
CA LYS A 133 3.49 24.35 25.95
C LYS A 133 3.23 23.22 26.95
N PRO A 134 2.01 22.63 27.03
CA PRO A 134 1.80 21.48 27.92
C PRO A 134 2.55 20.22 27.47
N GLY A 135 2.15 19.08 28.03
CA GLY A 135 2.58 17.71 27.63
C GLY A 135 2.33 17.47 26.14
N PRO A 136 2.13 16.19 25.72
CA PRO A 136 2.19 15.83 24.31
C PRO A 136 0.95 16.25 23.50
N GLY A 137 1.11 16.30 22.18
CA GLY A 137 0.11 16.82 21.23
C GLY A 137 -0.28 15.77 20.21
N ALA A 138 -1.48 15.85 19.65
CA ALA A 138 -1.88 14.90 18.60
C ALA A 138 -2.63 15.64 17.51
N ILE A 139 -2.39 15.24 16.27
CA ILE A 139 -3.18 15.69 15.11
C ILE A 139 -3.77 14.46 14.43
N VAL A 140 -5.02 14.59 14.06
CA VAL A 140 -5.73 13.56 13.28
C VAL A 140 -6.31 14.24 12.05
N ASN A 141 -5.94 13.73 10.87
CA ASN A 141 -6.47 14.16 9.57
C ASN A 141 -7.59 13.18 9.19
N VAL A 142 -8.75 13.71 8.81
CA VAL A 142 -9.85 12.92 8.18
C VAL A 142 -9.57 12.90 6.68
N ALA A 143 -9.05 11.78 6.21
CA ALA A 143 -8.78 11.54 4.79
C ALA A 143 -10.05 10.90 4.20
N SER A 144 -9.87 9.81 3.45
CA SER A 144 -10.97 9.08 2.79
C SER A 144 -10.36 7.84 2.15
N TYR A 145 -11.18 6.82 1.91
CA TYR A 145 -10.79 5.70 1.03
C TYR A 145 -10.37 6.29 -0.33
N LEU A 146 -10.90 7.44 -0.72
CA LEU A 146 -10.56 8.15 -1.99
C LEU A 146 -9.27 8.98 -1.90
N GLY A 147 -8.50 8.86 -0.80
CA GLY A 147 -7.07 9.24 -0.74
C GLY A 147 -6.15 8.11 -1.18
N LEU A 148 -6.64 6.87 -1.16
CA LEU A 148 -5.87 5.63 -1.46
C LEU A 148 -6.32 5.02 -2.79
N PHE A 149 -7.53 5.35 -3.25
CA PHE A 149 -8.11 4.91 -4.54
C PHE A 149 -8.72 6.13 -5.21
N ALA A 150 -8.99 6.03 -6.50
CA ALA A 150 -9.76 7.02 -7.26
C ALA A 150 -11.19 6.52 -7.44
N GLU A 151 -12.08 7.44 -7.77
CA GLU A 151 -13.41 7.13 -8.39
C GLU A 151 -13.56 8.08 -9.57
N GLN A 152 -14.58 7.86 -10.39
CA GLN A 152 -14.87 8.63 -11.61
C GLN A 152 -15.15 10.08 -11.22
N GLU A 153 -14.68 11.04 -12.01
CA GLU A 153 -15.18 12.45 -12.00
C GLU A 153 -15.01 13.05 -10.61
N ASN A 154 -13.86 12.88 -9.98
CA ASN A 154 -13.63 13.42 -8.62
C ASN A 154 -12.15 13.70 -8.44
N ALA A 155 -11.50 14.21 -9.49
CA ALA A 155 -10.03 14.36 -9.56
C ALA A 155 -9.54 15.22 -8.38
N ALA A 156 -10.14 16.38 -8.14
CA ALA A 156 -9.66 17.33 -7.10
C ALA A 156 -9.67 16.67 -5.73
N TYR A 157 -10.77 16.02 -5.37
CA TYR A 157 -10.94 15.30 -4.08
C TYR A 157 -9.93 14.15 -4.00
N ASN A 158 -9.79 13.36 -5.06
CA ASN A 158 -8.84 12.21 -5.11
C ASN A 158 -7.41 12.71 -4.90
N ALA A 159 -7.03 13.74 -5.63
CA ALA A 159 -5.68 14.32 -5.61
C ALA A 159 -5.39 14.93 -4.23
N SER A 160 -6.33 15.68 -3.68
CA SER A 160 -6.14 16.40 -2.39
C SER A 160 -6.09 15.38 -1.24
N LYS A 161 -6.93 14.34 -1.26
CA LYS A 161 -6.93 13.33 -0.18
C LYS A 161 -5.68 12.46 -0.32
N GLY A 162 -5.22 12.21 -1.55
CA GLY A 162 -3.92 11.55 -1.78
C GLY A 162 -2.79 12.33 -1.13
N GLY A 163 -2.75 13.64 -1.37
CA GLY A 163 -1.74 14.54 -0.77
C GLY A 163 -1.85 14.52 0.74
N LEU A 164 -3.07 14.49 1.28
CA LEU A 164 -3.33 14.54 2.74
C LEU A 164 -2.76 13.28 3.41
N VAL A 165 -2.88 12.15 2.74
CA VAL A 165 -2.33 10.87 3.24
C VAL A 165 -0.82 11.02 3.39
N ASN A 166 -0.09 11.51 2.36
CA ASN A 166 1.37 11.58 2.50
C ASN A 166 1.73 12.79 3.37
N LEU A 167 0.92 13.85 3.40
CA LEU A 167 1.17 14.98 4.33
C LEU A 167 1.10 14.47 5.77
N THR A 168 0.17 13.58 6.07
CA THR A 168 0.05 12.94 7.39
C THR A 168 1.39 12.31 7.77
N ARG A 169 2.02 11.61 6.83
CA ARG A 169 3.32 10.93 7.10
C ARG A 169 4.40 11.99 7.31
N SER A 170 4.44 13.03 6.46
CA SER A 170 5.39 14.16 6.55
C SER A 170 5.29 14.84 7.91
N LEU A 171 4.09 15.25 8.30
CA LEU A 171 3.86 15.88 9.63
C LEU A 171 4.30 14.90 10.75
N ALA A 172 3.95 13.62 10.65
CA ALA A 172 4.33 12.59 11.63
C ALA A 172 5.83 12.66 11.83
N LEU A 173 6.60 12.69 10.76
CA LEU A 173 8.09 12.66 10.85
C LEU A 173 8.57 13.96 11.45
N ASP A 174 8.04 15.10 10.99
CA ASP A 174 8.61 16.43 11.29
C ASP A 174 8.17 16.85 12.71
N LEU A 175 7.01 16.38 13.19
CA LEU A 175 6.51 16.80 14.53
C LEU A 175 6.81 15.76 15.62
N ALA A 176 7.31 14.56 15.29
CA ALA A 176 7.69 13.52 16.28
C ALA A 176 8.65 14.10 17.32
N PRO A 177 9.70 14.87 16.93
CA PRO A 177 10.61 15.46 17.91
C PRO A 177 9.94 16.43 18.90
N LEU A 178 8.81 17.04 18.52
CA LEU A 178 8.00 17.92 19.41
C LEU A 178 7.01 17.09 20.24
N ARG A 179 7.16 15.75 20.29
CA ARG A 179 6.20 14.83 20.98
C ARG A 179 4.78 15.06 20.42
N ILE A 180 4.62 15.30 19.12
CA ILE A 180 3.29 15.40 18.47
C ILE A 180 3.14 14.20 17.53
N ARG A 181 2.08 13.41 17.74
CA ARG A 181 1.71 12.26 16.89
C ARG A 181 0.75 12.78 15.82
N VAL A 182 0.91 12.32 14.58
CA VAL A 182 0.02 12.73 13.46
C VAL A 182 -0.41 11.47 12.75
N ASN A 183 -1.72 11.25 12.71
CA ASN A 183 -2.35 10.05 12.09
C ASN A 183 -3.53 10.54 11.26
N ALA A 184 -4.05 9.66 10.43
CA ALA A 184 -5.26 9.92 9.63
C ALA A 184 -6.23 8.75 9.79
N VAL A 185 -7.51 9.04 9.59
CA VAL A 185 -8.57 8.04 9.36
C VAL A 185 -8.97 8.15 7.90
N ALA A 186 -9.27 7.02 7.28
CA ALA A 186 -9.73 6.93 5.88
C ALA A 186 -11.15 6.33 5.95
N PRO A 187 -12.19 7.15 6.15
CA PRO A 187 -13.53 6.58 6.28
C PRO A 187 -14.00 5.98 4.96
N GLY A 188 -14.84 4.97 5.07
CA GLY A 188 -15.67 4.51 3.95
C GLY A 188 -16.88 5.40 3.85
N PHE A 189 -18.01 4.87 3.38
CA PHE A 189 -19.26 5.64 3.25
C PHE A 189 -19.87 5.79 4.64
N ILE A 190 -19.99 7.04 5.09
CA ILE A 190 -20.51 7.40 6.44
C ILE A 190 -21.81 8.17 6.25
N ALA A 191 -22.86 7.80 7.00
CA ALA A 191 -24.23 8.36 6.90
C ALA A 191 -24.29 9.75 7.53
N THR A 192 -23.52 10.70 6.99
CA THR A 192 -23.58 12.13 7.36
C THR A 192 -24.68 12.77 6.51
N GLU A 193 -25.05 14.01 6.84
CA GLU A 193 -26.07 14.76 6.05
C GLU A 193 -25.56 14.91 4.61
N ALA A 194 -24.25 15.13 4.43
CA ALA A 194 -23.59 15.26 3.10
C ALA A 194 -23.89 14.01 2.28
N LEU A 195 -23.70 12.82 2.84
CA LEU A 195 -23.94 11.57 2.07
C LEU A 195 -25.45 11.38 1.88
N LEU A 196 -26.28 11.62 2.90
CA LEU A 196 -27.76 11.44 2.77
C LEU A 196 -28.34 12.39 1.72
N GLU A 197 -27.75 13.58 1.56
CA GLU A 197 -28.16 14.57 0.52
C GLU A 197 -27.87 13.97 -0.86
N LEU A 198 -26.64 13.53 -1.09
CA LEU A 198 -26.21 12.84 -2.34
C LEU A 198 -27.17 11.68 -2.64
N ILE A 199 -27.44 10.82 -1.67
CA ILE A 199 -28.35 9.65 -1.85
C ILE A 199 -29.74 10.15 -2.27
N ALA A 200 -30.27 11.12 -1.52
CA ALA A 200 -31.63 11.67 -1.67
C ALA A 200 -31.85 12.17 -3.10
N LEU A 201 -30.81 12.72 -3.73
CA LEU A 201 -30.84 13.30 -5.09
C LEU A 201 -30.96 12.25 -6.20
N SER A 202 -30.78 10.97 -5.90
CA SER A 202 -30.69 9.92 -6.95
C SER A 202 -32.10 9.50 -7.39
N PRO A 203 -32.28 8.98 -8.62
CA PRO A 203 -33.60 8.50 -9.06
C PRO A 203 -34.27 7.51 -8.08
N ASP A 204 -33.50 6.62 -7.45
CA ASP A 204 -33.99 5.60 -6.49
C ASP A 204 -33.09 5.61 -5.24
N PRO A 205 -33.34 6.54 -4.29
CA PRO A 205 -32.47 6.70 -3.12
C PRO A 205 -32.15 5.38 -2.39
N GLU A 206 -33.14 4.51 -2.18
CA GLU A 206 -32.98 3.27 -1.40
C GLU A 206 -32.03 2.34 -2.15
N ARG A 207 -32.11 2.30 -3.48
CA ARG A 207 -31.26 1.41 -4.31
C ARG A 207 -29.83 1.95 -4.26
N THR A 208 -29.65 3.26 -4.46
CA THR A 208 -28.33 3.95 -4.34
C THR A 208 -27.70 3.64 -2.98
N ARG A 209 -28.45 3.78 -1.90
CA ARG A 209 -27.95 3.50 -0.53
C ARG A 209 -27.54 2.03 -0.40
N ARG A 210 -28.39 1.11 -0.86
CA ARG A 210 -28.14 -0.35 -0.84
C ARG A 210 -26.83 -0.66 -1.61
N ASP A 211 -26.63 -0.04 -2.76
CA ASP A 211 -25.41 -0.24 -3.61
C ASP A 211 -24.17 0.24 -2.86
N MET A 212 -24.26 1.36 -2.15
CA MET A 212 -23.17 1.90 -1.30
C MET A 212 -22.90 0.93 -0.14
N GLU A 213 -23.95 0.47 0.54
CA GLU A 213 -23.84 -0.49 1.68
C GLU A 213 -23.08 -1.73 1.21
N ASP A 214 -23.42 -2.23 0.02
CA ASP A 214 -22.91 -3.53 -0.51
C ASP A 214 -21.41 -3.44 -0.81
N LEU A 215 -20.83 -2.25 -0.92
CA LEU A 215 -19.36 -2.09 -1.13
C LEU A 215 -18.57 -2.41 0.15
N HIS A 216 -19.24 -2.45 1.29
CA HIS A 216 -18.61 -2.68 2.63
C HIS A 216 -18.83 -4.14 3.01
N ALA A 217 -17.82 -4.77 3.58
CA ALA A 217 -17.94 -6.14 4.11
C ALA A 217 -19.03 -6.14 5.17
N LEU A 218 -19.21 -5.04 5.92
CA LEU A 218 -20.24 -4.99 6.99
C LEU A 218 -21.61 -4.71 6.38
N ARG A 219 -21.70 -4.41 5.09
CA ARG A 219 -22.99 -4.29 4.35
C ARG A 219 -23.88 -3.25 5.03
N ARG A 220 -23.29 -2.14 5.47
CA ARG A 220 -24.03 -0.97 5.98
C ARG A 220 -23.15 0.28 5.80
N LEU A 221 -23.74 1.46 5.94
CA LEU A 221 -23.01 2.74 6.02
C LEU A 221 -22.42 2.88 7.42
N GLY A 222 -21.33 3.60 7.56
CA GLY A 222 -20.75 3.94 8.86
C GLY A 222 -21.57 5.02 9.52
N LYS A 223 -21.46 5.10 10.84
CA LYS A 223 -22.04 6.21 11.62
C LYS A 223 -20.92 7.23 11.82
N PRO A 224 -21.25 8.54 11.80
CA PRO A 224 -20.26 9.57 12.12
C PRO A 224 -19.54 9.28 13.45
N GLU A 225 -20.28 8.77 14.43
CA GLU A 225 -19.78 8.44 15.79
C GLU A 225 -18.71 7.34 15.72
N GLU A 226 -18.80 6.44 14.76
CA GLU A 226 -17.81 5.34 14.57
C GLU A 226 -16.48 5.93 14.07
N VAL A 227 -16.52 6.97 13.24
CA VAL A 227 -15.29 7.67 12.79
C VAL A 227 -14.75 8.46 14.00
N ALA A 228 -15.64 9.10 14.77
CA ALA A 228 -15.25 9.88 15.97
C ALA A 228 -14.46 8.98 16.93
N GLU A 229 -14.91 7.75 17.17
CA GLU A 229 -14.25 6.80 18.12
C GLU A 229 -12.80 6.55 17.67
N ALA A 230 -12.56 6.36 16.38
CA ALA A 230 -11.23 6.11 15.81
C ALA A 230 -10.37 7.37 15.98
N VAL A 231 -10.95 8.55 15.76
CA VAL A 231 -10.24 9.84 15.95
C VAL A 231 -9.87 9.99 17.42
N LEU A 232 -10.82 9.79 18.34
CA LEU A 232 -10.56 9.85 19.80
C LEU A 232 -9.40 8.91 20.15
N PHE A 233 -9.43 7.68 19.67
CA PHE A 233 -8.38 6.66 19.94
C PHE A 233 -7.03 7.22 19.46
N LEU A 234 -6.92 7.64 18.20
CA LEU A 234 -5.64 8.11 17.61
C LEU A 234 -5.18 9.40 18.31
N ALA A 235 -6.09 10.23 18.85
CA ALA A 235 -5.72 11.49 19.54
C ALA A 235 -5.23 11.20 20.97
N SER A 236 -5.58 10.03 21.50
CA SER A 236 -5.42 9.69 22.95
C SER A 236 -4.04 9.07 23.20
N GLU A 237 -3.66 9.00 24.47
CA GLU A 237 -2.40 8.35 24.93
C GLU A 237 -2.47 6.83 24.75
N LYS A 238 -3.65 6.25 24.50
CA LYS A 238 -3.74 4.80 24.15
C LYS A 238 -3.03 4.53 22.82
N ALA A 239 -2.91 5.54 21.97
CA ALA A 239 -2.23 5.44 20.66
C ALA A 239 -0.82 6.04 20.74
N SER A 240 -0.16 5.98 21.89
CA SER A 240 1.15 6.63 22.15
C SER A 240 2.25 6.10 21.23
N PHE A 241 2.19 4.88 20.71
CA PHE A 241 3.20 4.40 19.73
C PHE A 241 2.64 4.41 18.29
N ILE A 242 1.57 5.15 18.04
CA ILE A 242 0.96 5.23 16.68
C ILE A 242 1.17 6.66 16.15
N THR A 243 1.96 6.78 15.11
CA THR A 243 2.14 8.05 14.36
C THR A 243 2.42 7.69 12.90
N GLY A 244 1.93 8.53 12.00
CA GLY A 244 2.12 8.34 10.54
C GLY A 244 1.23 7.24 9.98
N ALA A 245 0.25 6.77 10.75
CA ALA A 245 -0.69 5.71 10.34
C ALA A 245 -1.89 6.33 9.60
N ILE A 246 -2.34 5.64 8.56
CA ILE A 246 -3.66 5.86 7.91
C ILE A 246 -4.55 4.68 8.32
N LEU A 247 -5.52 4.92 9.20
CA LEU A 247 -6.45 3.88 9.70
C LEU A 247 -7.73 3.89 8.87
N PRO A 248 -8.01 2.84 8.06
CA PRO A 248 -9.31 2.74 7.39
C PRO A 248 -10.41 2.53 8.44
N VAL A 249 -11.45 3.34 8.35
CA VAL A 249 -12.70 3.18 9.14
C VAL A 249 -13.79 3.06 8.09
N ASP A 250 -13.80 1.91 7.41
CA ASP A 250 -14.51 1.73 6.12
C ASP A 250 -15.28 0.41 6.08
N GLY A 251 -15.53 -0.25 7.20
CA GLY A 251 -16.35 -1.47 7.21
C GLY A 251 -15.83 -2.53 6.24
N GLY A 252 -14.51 -2.49 5.93
CA GLY A 252 -13.87 -3.46 5.02
C GLY A 252 -13.95 -3.07 3.55
N LEU A 253 -14.40 -1.85 3.23
CA LEU A 253 -14.49 -1.31 1.84
C LEU A 253 -13.19 -1.60 1.07
N THR A 254 -12.04 -1.22 1.61
CA THR A 254 -10.74 -1.23 0.89
C THR A 254 -10.04 -2.59 1.00
N ALA A 255 -10.63 -3.55 1.72
CA ALA A 255 -10.09 -4.91 1.89
C ALA A 255 -10.45 -5.81 0.70
N SER A 256 -11.40 -5.44 -0.19
CA SER A 256 -11.77 -6.22 -1.40
C SER A 256 -12.53 -5.36 -2.43
N PHE A 257 -12.92 -5.96 -3.57
CA PHE A 257 -13.71 -5.34 -4.68
C PHE A 257 -15.06 -6.04 -4.83
N MET B 9 19.41 -11.20 -32.31
CA MET B 9 18.63 -12.48 -32.14
C MET B 9 17.56 -12.31 -31.03
N GLY B 10 17.43 -11.12 -30.42
CA GLY B 10 16.34 -10.77 -29.47
C GLY B 10 16.77 -10.49 -28.02
N LEU B 11 15.81 -10.02 -27.23
CA LEU B 11 15.97 -9.51 -25.85
C LEU B 11 16.51 -10.62 -24.92
N PHE B 12 16.27 -11.91 -25.22
CA PHE B 12 16.68 -13.03 -24.35
C PHE B 12 17.45 -14.08 -25.17
N ALA B 13 18.08 -13.61 -26.24
CA ALA B 13 18.81 -14.46 -27.20
C ALA B 13 19.82 -15.30 -26.42
N GLY B 14 19.65 -16.62 -26.40
CA GLY B 14 20.60 -17.57 -25.80
C GLY B 14 20.47 -17.67 -24.29
N LYS B 15 19.49 -16.99 -23.69
CA LYS B 15 19.25 -17.05 -22.22
C LYS B 15 18.40 -18.27 -21.90
N GLY B 16 18.68 -18.90 -20.76
CA GLY B 16 17.85 -20.01 -20.25
C GLY B 16 16.76 -19.45 -19.35
N VAL B 17 15.52 -19.82 -19.64
CA VAL B 17 14.32 -19.29 -18.94
C VAL B 17 13.50 -20.48 -18.46
N LEU B 18 13.26 -20.54 -17.16
CA LEU B 18 12.42 -21.57 -16.50
C LEU B 18 11.05 -20.92 -16.27
N VAL B 19 9.99 -21.58 -16.68
CA VAL B 19 8.60 -21.10 -16.55
C VAL B 19 7.80 -22.24 -15.93
N THR B 20 7.25 -22.03 -14.73
CA THR B 20 6.39 -23.05 -14.08
C THR B 20 4.99 -22.86 -14.61
N GLY B 21 4.20 -23.93 -14.68
CA GLY B 21 2.80 -23.89 -15.14
C GLY B 21 2.69 -23.42 -16.58
N GLY B 22 3.63 -23.83 -17.45
CA GLY B 22 3.72 -23.34 -18.84
C GLY B 22 2.79 -24.06 -19.81
N ALA B 23 1.98 -25.03 -19.38
CA ALA B 23 1.14 -25.86 -20.30
C ALA B 23 0.02 -25.01 -20.90
N ARG B 24 -0.49 -23.99 -20.19
CA ARG B 24 -1.54 -23.13 -20.75
C ARG B 24 -1.60 -21.78 -20.04
N GLY B 25 -2.58 -20.95 -20.44
CA GLY B 25 -2.89 -19.67 -19.79
C GLY B 25 -1.68 -18.77 -19.81
N ILE B 26 -1.45 -18.05 -18.73
CA ILE B 26 -0.38 -17.01 -18.65
C ILE B 26 0.99 -17.69 -18.80
N GLY B 27 1.20 -18.83 -18.14
CA GLY B 27 2.48 -19.55 -18.27
C GLY B 27 2.83 -19.85 -19.72
N ARG B 28 1.86 -20.34 -20.50
CA ARG B 28 2.09 -20.67 -21.94
C ARG B 28 2.46 -19.38 -22.66
N ALA B 29 1.71 -18.30 -22.44
CA ALA B 29 1.95 -16.99 -23.08
C ALA B 29 3.36 -16.50 -22.70
N ILE B 30 3.76 -16.69 -21.46
CA ILE B 30 5.10 -16.28 -20.97
C ILE B 30 6.17 -17.11 -21.73
N ALA B 31 6.02 -18.43 -21.76
CA ALA B 31 6.95 -19.34 -22.49
C ALA B 31 7.08 -18.90 -23.95
N GLN B 32 5.97 -18.60 -24.63
CA GLN B 32 5.97 -18.14 -26.04
C GLN B 32 6.72 -16.82 -26.18
N ALA B 33 6.44 -15.85 -25.31
CA ALA B 33 7.03 -14.49 -25.39
C ALA B 33 8.55 -14.63 -25.22
N PHE B 34 9.03 -15.41 -24.25
CA PHE B 34 10.48 -15.61 -24.07
C PHE B 34 11.11 -16.25 -25.33
N ALA B 35 10.47 -17.27 -25.91
CA ALA B 35 10.97 -18.04 -27.09
C ALA B 35 11.00 -17.10 -28.30
N ARG B 36 9.97 -16.27 -28.47
CA ARG B 36 9.95 -15.25 -29.54
C ARG B 36 11.18 -14.35 -29.40
N GLU B 37 11.69 -14.09 -28.19
CA GLU B 37 12.84 -13.17 -27.94
C GLU B 37 14.14 -13.96 -27.88
N GLY B 38 14.13 -15.22 -28.33
CA GLY B 38 15.34 -16.03 -28.56
C GLY B 38 15.78 -16.82 -27.34
N ALA B 39 14.91 -16.99 -26.34
CA ALA B 39 15.29 -17.72 -25.10
C ALA B 39 15.25 -19.23 -25.39
N LEU B 40 16.10 -19.98 -24.69
CA LEU B 40 15.90 -21.44 -24.48
C LEU B 40 14.96 -21.59 -23.27
N VAL B 41 13.74 -22.07 -23.49
CA VAL B 41 12.69 -22.11 -22.44
C VAL B 41 12.54 -23.55 -21.97
N ALA B 42 12.69 -23.78 -20.67
CA ALA B 42 12.26 -25.02 -20.00
C ALA B 42 10.99 -24.68 -19.22
N LEU B 43 9.87 -25.27 -19.60
CA LEU B 43 8.60 -25.10 -18.86
C LEU B 43 8.27 -26.43 -18.19
N CYS B 44 7.61 -26.36 -17.04
CA CYS B 44 7.12 -27.57 -16.35
C CYS B 44 5.62 -27.41 -16.16
N ASP B 45 4.94 -28.53 -15.98
CA ASP B 45 3.49 -28.53 -15.67
C ASP B 45 3.11 -29.92 -15.19
N LEU B 46 1.97 -30.01 -14.51
CA LEU B 46 1.35 -31.31 -14.13
C LEU B 46 0.70 -31.91 -15.38
N ARG B 47 0.24 -31.06 -16.31
CA ARG B 47 -0.49 -31.47 -17.53
C ARG B 47 0.52 -31.95 -18.57
N PRO B 48 0.41 -33.18 -19.11
CA PRO B 48 1.36 -33.69 -20.11
C PRO B 48 1.32 -32.94 -21.47
N GLU B 49 0.20 -32.26 -21.77
CA GLU B 49 0.01 -31.44 -22.98
C GLU B 49 1.05 -30.30 -23.05
N GLY B 50 1.72 -29.99 -21.94
CA GLY B 50 2.84 -29.02 -21.91
C GLY B 50 3.97 -29.42 -22.85
N LYS B 51 4.09 -30.72 -23.15
CA LYS B 51 5.03 -31.27 -24.16
C LYS B 51 4.85 -30.52 -25.48
N GLU B 52 3.61 -30.33 -25.94
CA GLU B 52 3.32 -29.68 -27.25
C GLU B 52 3.72 -28.20 -27.19
N VAL B 53 3.52 -27.53 -26.05
CA VAL B 53 3.90 -26.09 -25.95
C VAL B 53 5.42 -26.00 -26.13
N ALA B 54 6.19 -26.86 -25.47
CA ALA B 54 7.67 -26.91 -25.60
C ALA B 54 8.12 -27.21 -27.05
N GLU B 55 7.53 -28.24 -27.66
CA GLU B 55 7.83 -28.63 -29.07
C GLU B 55 7.61 -27.44 -30.00
N ALA B 56 6.49 -26.72 -29.85
CA ALA B 56 6.08 -25.62 -30.73
C ALA B 56 7.07 -24.45 -30.62
N ILE B 57 7.73 -24.26 -29.46
CA ILE B 57 8.58 -23.05 -29.22
C ILE B 57 10.07 -23.43 -29.23
N GLY B 58 10.41 -24.70 -29.39
CA GLY B 58 11.81 -25.16 -29.43
C GLY B 58 12.39 -25.29 -28.04
N GLY B 59 11.53 -25.46 -27.03
CA GLY B 59 11.96 -25.51 -25.63
C GLY B 59 11.92 -26.92 -25.11
N ALA B 60 12.14 -27.08 -23.81
CA ALA B 60 12.12 -28.37 -23.10
C ALA B 60 10.91 -28.40 -22.18
N PHE B 61 10.25 -29.56 -22.09
CA PHE B 61 9.12 -29.79 -21.19
C PHE B 61 9.51 -30.80 -20.11
N PHE B 62 9.10 -30.53 -18.87
CA PHE B 62 9.31 -31.42 -17.71
C PHE B 62 7.98 -31.56 -17.00
N GLN B 63 7.47 -32.79 -16.92
CA GLN B 63 6.22 -33.05 -16.18
C GLN B 63 6.60 -33.14 -14.71
N VAL B 64 6.02 -32.27 -13.89
CA VAL B 64 6.52 -31.98 -12.53
C VAL B 64 5.31 -31.61 -11.67
N ASP B 65 5.14 -32.26 -10.52
CA ASP B 65 4.18 -31.85 -9.48
C ASP B 65 4.96 -30.94 -8.52
N LEU B 66 4.77 -29.62 -8.64
CA LEU B 66 5.54 -28.62 -7.85
C LEU B 66 5.16 -28.69 -6.36
N GLU B 67 4.14 -29.45 -5.98
CA GLU B 67 3.85 -29.74 -4.54
C GLU B 67 5.03 -30.48 -3.90
N ASP B 68 5.73 -31.33 -4.68
CA ASP B 68 6.79 -32.25 -4.19
C ASP B 68 8.17 -31.58 -4.31
N GLU B 69 8.86 -31.39 -3.19
CA GLU B 69 10.18 -30.71 -3.17
C GLU B 69 11.21 -31.46 -4.01
N ARG B 70 11.13 -32.80 -4.09
CA ARG B 70 12.09 -33.60 -4.88
C ARG B 70 11.87 -33.28 -6.36
N GLU B 71 10.62 -33.17 -6.80
CA GLU B 71 10.29 -32.83 -8.20
C GLU B 71 10.73 -31.40 -8.53
N ARG B 72 10.76 -30.48 -7.57
CA ARG B 72 11.22 -29.08 -7.80
C ARG B 72 12.73 -29.09 -8.03
N VAL B 73 13.43 -29.88 -7.22
CA VAL B 73 14.92 -30.07 -7.35
C VAL B 73 15.17 -30.67 -8.73
N ARG B 74 14.46 -31.74 -9.09
CA ARG B 74 14.60 -32.43 -10.40
C ARG B 74 14.39 -31.41 -11.51
N PHE B 75 13.33 -30.60 -11.44
CA PHE B 75 12.99 -29.64 -12.51
C PHE B 75 14.17 -28.70 -12.79
N VAL B 76 14.71 -28.07 -11.75
CA VAL B 76 15.77 -27.04 -11.92
C VAL B 76 17.05 -27.71 -12.42
N GLU B 77 17.46 -28.82 -11.82
CA GLU B 77 18.61 -29.66 -12.29
C GLU B 77 18.48 -30.00 -13.78
N GLU B 78 17.37 -30.61 -14.17
CA GLU B 78 17.14 -31.10 -15.56
C GLU B 78 17.01 -29.92 -16.51
N ALA B 79 16.32 -28.84 -16.11
CA ALA B 79 16.17 -27.62 -16.94
C ALA B 79 17.56 -27.02 -17.19
N ALA B 80 18.34 -26.86 -16.12
CA ALA B 80 19.70 -26.29 -16.14
C ALA B 80 20.58 -27.08 -17.12
N TYR B 81 20.57 -28.40 -17.00
CA TYR B 81 21.35 -29.29 -17.90
C TYR B 81 20.88 -29.10 -19.34
N ALA B 82 19.57 -29.11 -19.59
CA ALA B 82 19.00 -29.03 -20.96
C ALA B 82 19.32 -27.67 -21.61
N LEU B 83 19.30 -26.57 -20.86
CA LEU B 83 19.44 -25.19 -21.40
C LEU B 83 20.92 -24.84 -21.46
N GLY B 84 21.72 -25.36 -20.52
CA GLY B 84 23.16 -25.08 -20.39
C GLY B 84 23.43 -23.91 -19.47
N ARG B 85 22.38 -23.21 -19.04
CA ARG B 85 22.46 -21.99 -18.19
C ARG B 85 21.06 -21.65 -17.68
N VAL B 86 20.99 -20.94 -16.57
CA VAL B 86 19.70 -20.40 -16.02
C VAL B 86 19.87 -18.90 -15.83
N ASP B 87 19.02 -18.11 -16.47
CA ASP B 87 19.10 -16.63 -16.40
C ASP B 87 17.83 -16.06 -15.78
N VAL B 88 16.68 -16.70 -16.04
CA VAL B 88 15.34 -16.23 -15.59
C VAL B 88 14.56 -17.42 -15.04
N LEU B 89 13.87 -17.20 -13.92
CA LEU B 89 12.82 -18.10 -13.42
C LEU B 89 11.50 -17.31 -13.37
N VAL B 90 10.42 -17.91 -13.91
CA VAL B 90 9.05 -17.36 -13.71
C VAL B 90 8.25 -18.35 -12.87
N ASN B 91 7.85 -17.93 -11.66
CA ASN B 91 6.95 -18.71 -10.77
C ASN B 91 5.51 -18.33 -11.12
N ASN B 92 4.93 -19.10 -12.04
CA ASN B 92 3.60 -18.81 -12.62
C ASN B 92 2.60 -19.82 -12.05
N ALA B 93 3.02 -21.07 -11.85
CA ALA B 93 2.13 -22.17 -11.39
C ALA B 93 1.47 -21.75 -10.08
N ALA B 94 0.17 -22.02 -9.94
CA ALA B 94 -0.61 -21.74 -8.73
C ALA B 94 -1.92 -22.52 -8.76
N ILE B 95 -2.44 -22.83 -7.57
CA ILE B 95 -3.76 -23.49 -7.40
C ILE B 95 -4.57 -22.67 -6.40
N ALA B 96 -5.86 -22.99 -6.32
CA ALA B 96 -6.78 -22.43 -5.31
C ALA B 96 -7.49 -23.60 -4.64
N ALA B 97 -8.01 -23.37 -3.44
CA ALA B 97 -8.90 -24.30 -2.71
C ALA B 97 -10.12 -23.49 -2.25
N PRO B 98 -11.27 -23.60 -2.93
CA PRO B 98 -12.44 -22.81 -2.57
C PRO B 98 -12.74 -22.93 -1.08
N GLY B 99 -13.19 -21.83 -0.47
CA GLY B 99 -13.65 -21.82 0.93
C GLY B 99 -13.03 -20.69 1.73
N SER B 100 -13.80 -20.21 2.70
CA SER B 100 -13.32 -19.37 3.83
C SER B 100 -12.46 -20.23 4.74
N ALA B 101 -11.83 -19.61 5.75
CA ALA B 101 -11.21 -20.30 6.90
C ALA B 101 -12.20 -21.32 7.47
N LEU B 102 -13.50 -21.03 7.44
CA LEU B 102 -14.59 -21.85 8.03
C LEU B 102 -14.78 -23.14 7.23
N THR B 103 -14.52 -23.11 5.92
CA THR B 103 -14.97 -24.14 4.93
C THR B 103 -13.78 -24.95 4.42
N VAL B 104 -12.60 -24.34 4.28
CA VAL B 104 -11.42 -24.99 3.65
C VAL B 104 -10.89 -26.06 4.61
N ARG B 105 -10.49 -27.19 4.07
CA ARG B 105 -9.90 -28.31 4.85
C ARG B 105 -8.39 -28.05 4.98
N LEU B 106 -7.82 -28.38 6.14
CA LEU B 106 -6.40 -28.11 6.47
C LEU B 106 -5.45 -28.68 5.42
N PRO B 107 -5.59 -29.95 4.95
CA PRO B 107 -4.66 -30.48 3.95
C PRO B 107 -4.68 -29.71 2.62
N GLU B 108 -5.87 -29.28 2.17
CA GLU B 108 -6.07 -28.50 0.91
C GLU B 108 -5.42 -27.12 1.09
N TRP B 109 -5.65 -26.48 2.24
CA TRP B 109 -5.02 -25.18 2.61
C TRP B 109 -3.49 -25.33 2.54
N ARG B 110 -2.93 -26.36 3.16
CA ARG B 110 -1.46 -26.60 3.17
C ARG B 110 -0.91 -26.85 1.75
N ARG B 111 -1.63 -27.60 0.92
CA ARG B 111 -1.21 -27.84 -0.49
C ARG B 111 -1.19 -26.51 -1.26
N VAL B 112 -2.18 -25.64 -1.07
CA VAL B 112 -2.18 -24.30 -1.73
C VAL B 112 -0.94 -23.52 -1.26
N LEU B 113 -0.64 -23.53 0.04
CA LEU B 113 0.57 -22.84 0.59
C LEU B 113 1.85 -23.44 -0.02
N GLU B 114 1.91 -24.76 -0.15
CA GLU B 114 3.11 -25.48 -0.68
C GLU B 114 3.33 -25.09 -2.14
N VAL B 115 2.31 -25.15 -2.97
CA VAL B 115 2.44 -24.89 -4.44
C VAL B 115 2.65 -23.38 -4.67
N ASN B 116 1.91 -22.53 -3.96
CA ASN B 116 1.76 -21.09 -4.32
C ASN B 116 2.84 -20.24 -3.65
N LEU B 117 3.38 -20.70 -2.52
CA LEU B 117 4.29 -19.88 -1.68
C LEU B 117 5.61 -20.64 -1.43
N THR B 118 5.56 -21.88 -0.95
CA THR B 118 6.79 -22.64 -0.63
C THR B 118 7.55 -22.98 -1.93
N ALA B 119 6.85 -23.41 -2.96
CA ALA B 119 7.47 -23.80 -4.25
C ALA B 119 8.22 -22.60 -4.84
N PRO B 120 7.60 -21.41 -5.00
CA PRO B 120 8.33 -20.26 -5.50
C PRO B 120 9.59 -19.95 -4.69
N MET B 121 9.53 -20.06 -3.37
CA MET B 121 10.69 -19.81 -2.48
C MET B 121 11.80 -20.81 -2.87
N HIS B 122 11.45 -22.08 -2.90
CA HIS B 122 12.39 -23.21 -3.08
C HIS B 122 13.00 -23.13 -4.49
N LEU B 123 12.15 -23.02 -5.51
CA LEU B 123 12.59 -22.85 -6.92
C LEU B 123 13.49 -21.61 -7.06
N SER B 124 13.18 -20.50 -6.38
CA SER B 124 14.00 -19.26 -6.44
C SER B 124 15.41 -19.57 -5.90
N ALA B 125 15.50 -20.27 -4.79
CA ALA B 125 16.79 -20.67 -4.18
C ALA B 125 17.56 -21.60 -5.15
N LEU B 126 16.90 -22.64 -5.67
CA LEU B 126 17.54 -23.61 -6.61
C LEU B 126 18.02 -22.88 -7.85
N ALA B 127 17.14 -22.05 -8.44
CA ALA B 127 17.43 -21.31 -9.69
C ALA B 127 18.56 -20.31 -9.44
N ALA B 128 18.53 -19.63 -8.29
CA ALA B 128 19.52 -18.58 -7.92
C ALA B 128 20.93 -19.18 -7.93
N ARG B 129 21.08 -20.41 -7.44
CA ARG B 129 22.40 -21.12 -7.40
C ARG B 129 22.91 -21.29 -8.84
N GLU B 130 22.03 -21.54 -9.81
CA GLU B 130 22.40 -21.70 -11.24
C GLU B 130 22.68 -20.34 -11.91
N MET B 131 22.17 -19.23 -11.34
CA MET B 131 22.18 -17.90 -11.98
C MET B 131 23.50 -17.14 -11.76
N ARG B 132 24.30 -17.54 -10.77
CA ARG B 132 25.64 -16.97 -10.49
C ARG B 132 26.54 -17.12 -11.73
N LYS B 133 26.42 -18.25 -12.41
CA LYS B 133 27.46 -18.76 -13.34
C LYS B 133 27.69 -17.68 -14.40
N PRO B 134 26.85 -17.53 -15.44
CA PRO B 134 27.01 -16.41 -16.37
C PRO B 134 26.64 -15.05 -15.74
N GLY B 135 26.34 -14.06 -16.59
CA GLY B 135 25.85 -12.72 -16.24
C GLY B 135 24.63 -12.75 -15.32
N PRO B 136 23.86 -11.65 -15.22
CA PRO B 136 22.90 -11.47 -14.11
C PRO B 136 21.62 -12.31 -14.28
N GLY B 137 20.85 -12.42 -13.19
CA GLY B 137 19.63 -13.24 -13.14
C GLY B 137 18.39 -12.43 -12.83
N ALA B 138 17.23 -12.96 -13.14
CA ALA B 138 15.96 -12.29 -12.82
C ALA B 138 14.94 -13.35 -12.44
N ILE B 139 14.13 -13.04 -11.44
CA ILE B 139 12.96 -13.86 -11.08
C ILE B 139 11.72 -12.98 -11.16
N VAL B 140 10.68 -13.54 -11.74
CA VAL B 140 9.36 -12.87 -11.75
C VAL B 140 8.36 -13.85 -11.15
N ASN B 141 7.68 -13.40 -10.10
CA ASN B 141 6.57 -14.12 -9.45
C ASN B 141 5.26 -13.61 -10.05
N VAL B 142 4.39 -14.51 -10.49
CA VAL B 142 2.99 -14.19 -10.88
C VAL B 142 2.17 -14.27 -9.60
N ALA B 143 1.85 -13.10 -9.06
CA ALA B 143 0.98 -12.98 -7.88
C ALA B 143 -0.46 -12.85 -8.40
N SER B 144 -1.19 -11.87 -7.90
CA SER B 144 -2.60 -11.59 -8.29
C SER B 144 -3.01 -10.30 -7.57
N TYR B 145 -4.04 -9.62 -8.08
CA TYR B 145 -4.70 -8.53 -7.32
C TYR B 145 -5.17 -9.12 -5.97
N LEU B 146 -5.40 -10.43 -5.89
CA LEU B 146 -5.82 -11.15 -4.65
C LEU B 146 -4.62 -11.54 -3.76
N GLY B 147 -3.41 -11.07 -4.06
CA GLY B 147 -2.29 -10.99 -3.10
C GLY B 147 -2.28 -9.67 -2.31
N LEU B 148 -2.97 -8.65 -2.82
CA LEU B 148 -3.00 -7.28 -2.25
C LEU B 148 -4.37 -6.99 -1.62
N PHE B 149 -5.41 -7.70 -2.05
CA PHE B 149 -6.80 -7.61 -1.52
C PHE B 149 -7.29 -9.03 -1.32
N ALA B 150 -8.38 -9.18 -0.57
CA ALA B 150 -9.09 -10.46 -0.43
C ALA B 150 -10.35 -10.46 -1.32
N GLU B 151 -10.90 -11.64 -1.57
CA GLU B 151 -12.29 -11.84 -2.04
C GLU B 151 -12.90 -12.93 -1.16
N GLN B 152 -14.21 -13.12 -1.24
CA GLN B 152 -14.95 -14.08 -0.38
C GLN B 152 -14.49 -15.50 -0.72
N GLU B 153 -14.42 -16.37 0.27
CA GLU B 153 -14.35 -17.84 0.08
C GLU B 153 -13.11 -18.20 -0.76
N ASN B 154 -11.95 -17.61 -0.45
CA ASN B 154 -10.73 -17.92 -1.22
C ASN B 154 -9.51 -17.71 -0.32
N ALA B 155 -9.64 -18.10 0.94
CA ALA B 155 -8.66 -17.80 2.01
C ALA B 155 -7.28 -18.30 1.62
N ALA B 156 -7.15 -19.56 1.20
CA ALA B 156 -5.85 -20.19 0.90
C ALA B 156 -5.11 -19.42 -0.21
N TYR B 157 -5.80 -19.09 -1.29
CA TYR B 157 -5.27 -18.33 -2.44
C TYR B 157 -4.88 -16.93 -1.98
N ASN B 158 -5.74 -16.26 -1.21
CA ASN B 158 -5.49 -14.88 -0.70
C ASN B 158 -4.26 -14.87 0.18
N ALA B 159 -4.19 -15.82 1.12
CA ALA B 159 -3.08 -15.94 2.09
C ALA B 159 -1.77 -16.24 1.35
N SER B 160 -1.79 -17.19 0.41
CA SER B 160 -0.58 -17.64 -0.30
C SER B 160 -0.07 -16.54 -1.23
N LYS B 161 -0.96 -15.81 -1.91
CA LYS B 161 -0.56 -14.73 -2.83
C LYS B 161 -0.08 -13.54 -2.01
N GLY B 162 -0.68 -13.29 -0.85
CA GLY B 162 -0.18 -12.30 0.13
C GLY B 162 1.25 -12.61 0.52
N GLY B 163 1.53 -13.85 0.91
CA GLY B 163 2.88 -14.32 1.27
C GLY B 163 3.86 -14.17 0.11
N LEU B 164 3.40 -14.45 -1.11
CA LEU B 164 4.23 -14.41 -2.34
C LEU B 164 4.67 -12.96 -2.61
N VAL B 165 3.80 -12.02 -2.35
CA VAL B 165 4.10 -10.58 -2.51
C VAL B 165 5.24 -10.22 -1.55
N ASN B 166 5.17 -10.60 -0.28
CA ASN B 166 6.26 -10.20 0.66
C ASN B 166 7.47 -11.10 0.41
N LEU B 167 7.28 -12.35 -0.02
CA LEU B 167 8.43 -13.20 -0.39
C LEU B 167 9.20 -12.56 -1.56
N THR B 168 8.50 -11.96 -2.51
CA THR B 168 9.12 -11.25 -3.65
C THR B 168 10.07 -10.18 -3.08
N ARG B 169 9.65 -9.43 -2.06
CA ARG B 169 10.48 -8.35 -1.47
C ARG B 169 11.69 -8.98 -0.76
N SER B 170 11.46 -10.06 0.00
CA SER B 170 12.51 -10.82 0.71
C SER B 170 13.56 -11.32 -0.28
N LEU B 171 13.14 -12.02 -1.33
CA LEU B 171 14.08 -12.53 -2.37
C LEU B 171 14.83 -11.34 -3.00
N ALA B 172 14.14 -10.24 -3.32
CA ALA B 172 14.75 -9.04 -3.89
C ALA B 172 15.95 -8.65 -3.01
N LEU B 173 15.73 -8.58 -1.70
CA LEU B 173 16.79 -8.14 -0.76
C LEU B 173 17.92 -9.17 -0.72
N ASP B 174 17.57 -10.44 -0.59
CA ASP B 174 18.55 -11.51 -0.28
C ASP B 174 19.30 -11.90 -1.55
N LEU B 175 18.72 -11.74 -2.73
CA LEU B 175 19.40 -12.16 -3.98
C LEU B 175 20.07 -10.97 -4.72
N ALA B 176 19.86 -9.72 -4.29
CA ALA B 176 20.55 -8.54 -4.88
C ALA B 176 22.07 -8.76 -4.91
N PRO B 177 22.71 -9.28 -3.82
CA PRO B 177 24.16 -9.53 -3.84
C PRO B 177 24.61 -10.52 -4.91
N LEU B 178 23.74 -11.42 -5.35
CA LEU B 178 24.03 -12.38 -6.47
C LEU B 178 23.71 -11.74 -7.83
N ARG B 179 23.47 -10.44 -7.89
CA ARG B 179 23.05 -9.71 -9.13
C ARG B 179 21.74 -10.33 -9.65
N ILE B 180 20.81 -10.71 -8.79
CA ILE B 180 19.48 -11.23 -9.21
C ILE B 180 18.43 -10.22 -8.80
N ARG B 181 17.61 -9.75 -9.75
CA ARG B 181 16.44 -8.90 -9.49
C ARG B 181 15.23 -9.81 -9.30
N VAL B 182 14.35 -9.48 -8.35
CA VAL B 182 13.12 -10.27 -8.11
C VAL B 182 11.96 -9.31 -8.04
N ASN B 183 10.98 -9.52 -8.92
CA ASN B 183 9.77 -8.67 -9.02
C ASN B 183 8.56 -9.58 -9.14
N ALA B 184 7.36 -9.01 -9.00
CA ALA B 184 6.10 -9.74 -9.19
C ALA B 184 5.20 -8.93 -10.13
N VAL B 185 4.33 -9.66 -10.82
CA VAL B 185 3.16 -9.06 -11.52
C VAL B 185 1.92 -9.49 -10.73
N ALA B 186 0.95 -8.58 -10.64
CA ALA B 186 -0.34 -8.81 -9.96
C ALA B 186 -1.43 -8.68 -11.02
N PRO B 187 -1.75 -9.74 -11.76
CA PRO B 187 -2.73 -9.62 -12.83
C PRO B 187 -4.12 -9.33 -12.29
N GLY B 188 -4.92 -8.63 -13.08
CA GLY B 188 -6.37 -8.55 -12.87
C GLY B 188 -7.01 -9.78 -13.46
N PHE B 189 -8.24 -9.68 -13.93
CA PHE B 189 -8.93 -10.81 -14.58
C PHE B 189 -8.36 -10.99 -15.99
N ILE B 190 -7.74 -12.14 -16.23
CA ILE B 190 -7.09 -12.49 -17.51
C ILE B 190 -7.86 -13.65 -18.13
N ALA B 191 -8.22 -13.50 -19.40
CA ALA B 191 -9.03 -14.46 -20.19
C ALA B 191 -8.16 -15.67 -20.57
N THR B 192 -7.70 -16.42 -19.57
CA THR B 192 -7.09 -17.75 -19.76
C THR B 192 -8.21 -18.78 -19.85
N GLU B 193 -7.89 -20.01 -20.25
CA GLU B 193 -8.90 -21.10 -20.36
C GLU B 193 -9.55 -21.30 -18.99
N ALA B 194 -8.76 -21.23 -17.91
CA ALA B 194 -9.21 -21.39 -16.52
C ALA B 194 -10.33 -20.39 -16.22
N LEU B 195 -10.13 -19.10 -16.55
CA LEU B 195 -11.15 -18.07 -16.24
C LEU B 195 -12.34 -18.25 -17.20
N LEU B 196 -12.11 -18.51 -18.49
CA LEU B 196 -13.22 -18.63 -19.48
C LEU B 196 -14.07 -19.85 -19.13
N GLU B 197 -13.48 -20.91 -18.56
CA GLU B 197 -14.23 -22.13 -18.11
C GLU B 197 -15.18 -21.73 -16.98
N LEU B 198 -14.67 -21.09 -15.93
CA LEU B 198 -15.46 -20.56 -14.79
C LEU B 198 -16.62 -19.70 -15.33
N ILE B 199 -16.34 -18.77 -16.24
CA ILE B 199 -17.41 -17.89 -16.82
C ILE B 199 -18.44 -18.75 -17.55
N ALA B 200 -17.97 -19.63 -18.42
CA ALA B 200 -18.78 -20.49 -19.33
C ALA B 200 -19.78 -21.30 -18.50
N LEU B 201 -19.38 -21.77 -17.32
CA LEU B 201 -20.18 -22.72 -16.49
C LEU B 201 -20.98 -21.92 -15.48
N SER B 202 -21.01 -20.58 -15.60
CA SER B 202 -21.76 -19.71 -14.66
C SER B 202 -23.22 -19.68 -15.09
N PRO B 203 -24.17 -19.41 -14.16
CA PRO B 203 -25.58 -19.32 -14.50
C PRO B 203 -25.91 -18.43 -15.71
N ASP B 204 -25.24 -17.27 -15.82
CA ASP B 204 -25.47 -16.30 -16.92
C ASP B 204 -24.09 -15.85 -17.42
N PRO B 205 -23.45 -16.62 -18.33
CA PRO B 205 -22.09 -16.33 -18.77
C PRO B 205 -21.84 -14.86 -19.17
N GLU B 206 -22.74 -14.27 -19.96
CA GLU B 206 -22.58 -12.91 -20.50
C GLU B 206 -22.57 -11.92 -19.35
N ARG B 207 -23.44 -12.13 -18.35
CA ARG B 207 -23.59 -11.20 -17.19
C ARG B 207 -22.33 -11.33 -16.34
N THR B 208 -21.91 -12.56 -16.02
CA THR B 208 -20.68 -12.85 -15.24
C THR B 208 -19.49 -12.14 -15.89
N ARG B 209 -19.34 -12.31 -17.20
CA ARG B 209 -18.19 -11.70 -17.93
C ARG B 209 -18.28 -10.17 -17.87
N ARG B 210 -19.46 -9.62 -18.14
CA ARG B 210 -19.73 -8.16 -18.10
C ARG B 210 -19.36 -7.59 -16.72
N ASP B 211 -19.75 -8.29 -15.64
CA ASP B 211 -19.52 -7.85 -14.25
C ASP B 211 -18.03 -7.85 -13.96
N MET B 212 -17.30 -8.86 -14.44
CA MET B 212 -15.83 -8.95 -14.30
C MET B 212 -15.18 -7.81 -15.08
N GLU B 213 -15.60 -7.60 -16.33
CA GLU B 213 -15.06 -6.53 -17.20
C GLU B 213 -15.21 -5.18 -16.49
N ASP B 214 -16.38 -4.95 -15.88
CA ASP B 214 -16.76 -3.63 -15.32
C ASP B 214 -15.90 -3.32 -14.08
N LEU B 215 -15.22 -4.30 -13.48
CA LEU B 215 -14.31 -4.04 -12.34
C LEU B 215 -13.03 -3.33 -12.81
N HIS B 216 -12.74 -3.37 -14.11
CA HIS B 216 -11.49 -2.81 -14.71
C HIS B 216 -11.81 -1.46 -15.31
N ALA B 217 -10.92 -0.49 -15.14
CA ALA B 217 -11.06 0.83 -15.78
C ALA B 217 -11.10 0.64 -17.29
N LEU B 218 -10.39 -0.35 -17.82
CA LEU B 218 -10.36 -0.58 -19.29
C LEU B 218 -11.62 -1.35 -19.72
N ARG B 219 -12.45 -1.83 -18.79
CA ARG B 219 -13.77 -2.43 -19.08
C ARG B 219 -13.62 -3.60 -20.04
N ARG B 220 -12.60 -4.42 -19.82
CA ARG B 220 -12.38 -5.68 -20.57
C ARG B 220 -11.52 -6.60 -19.70
N LEU B 221 -11.46 -7.88 -20.07
CA LEU B 221 -10.52 -8.85 -19.46
C LEU B 221 -9.14 -8.64 -20.09
N GLY B 222 -8.09 -8.98 -19.35
CA GLY B 222 -6.72 -8.96 -19.91
C GLY B 222 -6.50 -10.18 -20.77
N LYS B 223 -5.53 -10.09 -21.67
CA LYS B 223 -5.04 -11.24 -22.46
C LYS B 223 -3.83 -11.81 -21.73
N PRO B 224 -3.63 -13.15 -21.78
CA PRO B 224 -2.43 -13.76 -21.22
C PRO B 224 -1.14 -13.11 -21.74
N GLU B 225 -1.14 -12.73 -23.03
CA GLU B 225 0.01 -12.10 -23.73
C GLU B 225 0.36 -10.74 -23.09
N GLU B 226 -0.65 -10.04 -22.54
CA GLU B 226 -0.46 -8.72 -21.89
C GLU B 226 0.29 -8.92 -20.57
N VAL B 227 0.01 -10.01 -19.85
CA VAL B 227 0.76 -10.36 -18.62
C VAL B 227 2.19 -10.76 -19.04
N ALA B 228 2.31 -11.53 -20.11
CA ALA B 228 3.62 -12.00 -20.63
C ALA B 228 4.54 -10.79 -20.88
N GLU B 229 4.02 -9.73 -21.52
CA GLU B 229 4.82 -8.53 -21.88
C GLU B 229 5.41 -7.90 -20.59
N ALA B 230 4.62 -7.80 -19.52
CA ALA B 230 5.07 -7.21 -18.24
C ALA B 230 6.13 -8.13 -17.61
N VAL B 231 5.95 -9.44 -17.69
CA VAL B 231 6.96 -10.42 -17.19
C VAL B 231 8.26 -10.26 -17.99
N LEU B 232 8.18 -10.26 -19.33
CA LEU B 232 9.37 -10.07 -20.20
C LEU B 232 10.11 -8.79 -19.79
N PHE B 233 9.38 -7.67 -19.63
CA PHE B 233 9.96 -6.37 -19.23
C PHE B 233 10.73 -6.54 -17.90
N LEU B 234 10.07 -7.07 -16.87
CA LEU B 234 10.68 -7.20 -15.51
C LEU B 234 11.84 -8.19 -15.55
N ALA B 235 11.86 -9.16 -16.46
CA ALA B 235 12.95 -10.16 -16.54
C ALA B 235 14.15 -9.57 -17.29
N SER B 236 13.94 -8.50 -18.06
CA SER B 236 14.92 -7.95 -19.04
C SER B 236 15.83 -6.93 -18.35
N GLU B 237 16.92 -6.58 -19.04
CA GLU B 237 17.87 -5.55 -18.55
C GLU B 237 17.27 -4.14 -18.68
N LYS B 238 16.14 -3.99 -19.37
CA LYS B 238 15.40 -2.70 -19.39
C LYS B 238 14.87 -2.37 -17.98
N ALA B 239 14.68 -3.38 -17.14
CA ALA B 239 14.22 -3.24 -15.75
C ALA B 239 15.39 -3.35 -14.76
N SER B 240 16.60 -2.91 -15.16
CA SER B 240 17.85 -3.10 -14.39
C SER B 240 17.80 -2.38 -13.04
N PHE B 241 17.02 -1.31 -12.86
CA PHE B 241 16.88 -0.68 -11.54
C PHE B 241 15.54 -1.02 -10.88
N ILE B 242 14.90 -2.11 -11.32
CA ILE B 242 13.60 -2.54 -10.75
C ILE B 242 13.80 -3.87 -10.04
N THR B 243 13.65 -3.86 -8.72
CA THR B 243 13.68 -5.10 -7.90
C THR B 243 12.76 -4.87 -6.72
N GLY B 244 12.08 -5.91 -6.28
CA GLY B 244 11.19 -5.87 -5.11
C GLY B 244 9.86 -5.21 -5.42
N ALA B 245 9.57 -4.95 -6.69
CA ALA B 245 8.35 -4.27 -7.15
C ALA B 245 7.24 -5.31 -7.37
N ILE B 246 6.01 -4.93 -7.02
CA ILE B 246 4.76 -5.64 -7.38
C ILE B 246 4.05 -4.78 -8.42
N LEU B 247 4.07 -5.17 -9.69
CA LEU B 247 3.48 -4.40 -10.81
C LEU B 247 2.07 -4.95 -11.11
N PRO B 248 1.01 -4.17 -10.82
CA PRO B 248 -0.34 -4.55 -11.26
C PRO B 248 -0.43 -4.56 -12.79
N VAL B 249 -0.93 -5.65 -13.33
CA VAL B 249 -1.28 -5.78 -14.77
C VAL B 249 -2.76 -6.13 -14.76
N ASP B 250 -3.58 -5.13 -14.46
CA ASP B 250 -4.98 -5.35 -13.99
C ASP B 250 -5.97 -4.38 -14.64
N GLY B 251 -5.60 -3.69 -15.72
CA GLY B 251 -6.50 -2.78 -16.43
C GLY B 251 -7.13 -1.75 -15.50
N GLY B 252 -6.44 -1.41 -14.40
CA GLY B 252 -6.91 -0.40 -13.43
C GLY B 252 -7.83 -0.97 -12.36
N LEU B 253 -8.00 -2.30 -12.27
CA LEU B 253 -8.84 -2.99 -11.23
C LEU B 253 -8.55 -2.42 -9.84
N THR B 254 -7.29 -2.37 -9.42
CA THR B 254 -6.92 -2.03 -8.01
C THR B 254 -6.82 -0.51 -7.79
N ALA B 255 -7.01 0.30 -8.83
CA ALA B 255 -6.92 1.77 -8.75
C ALA B 255 -8.27 2.39 -8.33
N SER B 256 -9.38 1.63 -8.31
CA SER B 256 -10.75 2.15 -7.97
C SER B 256 -11.73 1.06 -7.55
N PHE B 257 -12.97 1.45 -7.19
CA PHE B 257 -14.11 0.56 -6.84
C PHE B 257 -15.27 0.74 -7.84
N GLY C 10 -15.66 -1.07 32.35
CA GLY C 10 -14.94 -2.28 31.90
C GLY C 10 -15.34 -2.65 30.48
N LEU C 11 -14.45 -2.36 29.53
CA LEU C 11 -14.70 -2.44 28.07
C LEU C 11 -14.97 -3.90 27.66
N PHE C 12 -14.48 -4.89 28.41
CA PHE C 12 -14.62 -6.32 28.04
C PHE C 12 -15.17 -7.10 29.24
N ALA C 13 -15.90 -6.42 30.10
CA ALA C 13 -16.49 -6.98 31.33
C ALA C 13 -17.28 -8.23 30.96
N GLY C 14 -16.83 -9.41 31.42
CA GLY C 14 -17.54 -10.69 31.25
C GLY C 14 -17.35 -11.28 29.86
N LYS C 15 -16.47 -10.71 29.03
CA LYS C 15 -16.17 -11.26 27.69
C LYS C 15 -15.11 -12.35 27.81
N GLY C 16 -15.20 -13.42 27.03
CA GLY C 16 -14.16 -14.44 26.91
C GLY C 16 -13.17 -14.05 25.81
N VAL C 17 -11.89 -14.02 26.15
CA VAL C 17 -10.81 -13.57 25.23
C VAL C 17 -9.74 -14.66 25.19
N LEU C 18 -9.46 -15.17 23.99
CA LEU C 18 -8.37 -16.15 23.74
C LEU C 18 -7.16 -15.36 23.22
N VAL C 19 -6.00 -15.57 23.83
CA VAL C 19 -4.72 -14.90 23.47
C VAL C 19 -3.69 -16.01 23.26
N THR C 20 -3.13 -16.13 22.06
CA THR C 20 -2.05 -17.12 21.80
C THR C 20 -0.74 -16.45 22.17
N GLY C 21 0.25 -17.24 22.61
CA GLY C 21 1.59 -16.73 22.96
C GLY C 21 1.56 -15.75 24.12
N GLY C 22 0.71 -16.00 25.12
CA GLY C 22 0.49 -15.09 26.25
C GLY C 22 1.52 -15.17 27.37
N ALA C 23 2.55 -16.01 27.28
CA ALA C 23 3.48 -16.27 28.40
C ALA C 23 4.38 -15.06 28.64
N ARG C 24 4.70 -14.29 27.58
CA ARG C 24 5.52 -13.07 27.73
C ARG C 24 5.29 -12.10 26.57
N GLY C 25 6.03 -10.99 26.61
CA GLY C 25 6.10 -10.00 25.53
C GLY C 25 4.73 -9.43 25.28
N ILE C 26 4.39 -9.21 24.01
CA ILE C 26 3.14 -8.54 23.60
C ILE C 26 1.94 -9.40 24.04
N GLY C 27 2.00 -10.71 23.86
CA GLY C 27 0.90 -11.60 24.28
C GLY C 27 0.56 -11.42 25.75
N ARG C 28 1.58 -11.37 26.62
CA ARG C 28 1.35 -11.18 28.07
C ARG C 28 0.68 -9.83 28.30
N ALA C 29 1.20 -8.77 27.67
CA ALA C 29 0.64 -7.39 27.79
C ALA C 29 -0.81 -7.39 27.30
N ILE C 30 -1.11 -8.13 26.24
CA ILE C 30 -2.50 -8.20 25.69
C ILE C 30 -3.39 -8.89 26.73
N ALA C 31 -2.98 -10.05 27.24
CA ALA C 31 -3.75 -10.79 28.26
C ALA C 31 -4.00 -9.88 29.49
N GLN C 32 -2.99 -9.15 29.97
CA GLN C 32 -3.15 -8.22 31.12
C GLN C 32 -4.14 -7.12 30.79
N ALA C 33 -4.05 -6.51 29.61
CA ALA C 33 -4.90 -5.37 29.21
C ALA C 33 -6.35 -5.85 29.14
N PHE C 34 -6.61 -7.01 28.54
CA PHE C 34 -8.00 -7.56 28.50
C PHE C 34 -8.54 -7.79 29.93
N ALA C 35 -7.73 -8.35 30.82
CA ALA C 35 -8.13 -8.69 32.21
C ALA C 35 -8.39 -7.41 32.99
N ARG C 36 -7.55 -6.40 32.80
CA ARG C 36 -7.76 -5.05 33.39
C ARG C 36 -9.15 -4.54 32.99
N GLU C 37 -9.63 -4.85 31.78
CA GLU C 37 -10.93 -4.33 31.26
C GLU C 37 -12.05 -5.35 31.54
N GLY C 38 -11.81 -6.31 32.43
CA GLY C 38 -12.84 -7.19 33.00
C GLY C 38 -13.05 -8.46 32.20
N ALA C 39 -12.14 -8.82 31.29
CA ALA C 39 -12.30 -10.01 30.42
C ALA C 39 -11.96 -11.27 31.22
N LEU C 40 -12.60 -12.38 30.88
CA LEU C 40 -12.14 -13.75 31.22
C LEU C 40 -11.13 -14.16 30.14
N VAL C 41 -9.85 -14.26 30.48
CA VAL C 41 -8.77 -14.49 29.48
C VAL C 41 -8.30 -15.93 29.57
N ALA C 42 -8.33 -16.64 28.44
CA ALA C 42 -7.61 -17.92 28.25
C ALA C 42 -6.41 -17.63 27.37
N LEU C 43 -5.20 -17.74 27.91
CA LEU C 43 -3.96 -17.64 27.10
C LEU C 43 -3.36 -19.03 26.95
N CYS C 44 -2.70 -19.26 25.82
CA CYS C 44 -1.93 -20.50 25.61
C CYS C 44 -0.48 -20.12 25.33
N ASP C 45 0.43 -21.05 25.54
CA ASP C 45 1.86 -20.87 25.20
C ASP C 45 2.55 -22.23 25.31
N LEU C 46 3.72 -22.34 24.69
CA LEU C 46 4.62 -23.50 24.88
C LEU C 46 5.33 -23.35 26.21
N ARG C 47 5.54 -22.12 26.67
CA ARG C 47 6.32 -21.76 27.88
C ARG C 47 5.45 -21.96 29.11
N PRO C 48 5.90 -22.74 30.12
CA PRO C 48 5.09 -23.01 31.32
C PRO C 48 4.86 -21.79 32.21
N GLU C 49 5.69 -20.75 32.12
CA GLU C 49 5.55 -19.48 32.89
C GLU C 49 4.23 -18.77 32.54
N GLY C 50 3.56 -19.17 31.46
CA GLY C 50 2.20 -18.70 31.12
C GLY C 50 1.20 -19.00 32.22
N LYS C 51 1.42 -20.08 32.97
CA LYS C 51 0.60 -20.44 34.17
C LYS C 51 0.56 -19.24 35.13
N GLU C 52 1.70 -18.61 35.42
CA GLU C 52 1.79 -17.48 36.38
C GLU C 52 1.04 -16.27 35.81
N VAL C 53 1.12 -16.03 34.50
CA VAL C 53 0.45 -14.87 33.87
C VAL C 53 -1.05 -15.06 34.08
N ALA C 54 -1.60 -16.26 33.83
CA ALA C 54 -3.03 -16.59 34.03
C ALA C 54 -3.46 -16.41 35.49
N GLU C 55 -2.68 -16.97 36.43
CA GLU C 55 -2.95 -16.88 37.89
C GLU C 55 -3.03 -15.40 38.30
N ALA C 56 -2.09 -14.58 37.85
CA ALA C 56 -1.97 -13.17 38.24
C ALA C 56 -3.17 -12.37 37.73
N ILE C 57 -3.81 -12.78 36.64
CA ILE C 57 -4.89 -11.96 36.00
C ILE C 57 -6.26 -12.60 36.21
N GLY C 58 -6.33 -13.78 36.85
CA GLY C 58 -7.59 -14.49 37.11
C GLY C 58 -8.09 -15.24 35.89
N GLY C 59 -7.19 -15.56 34.96
CA GLY C 59 -7.56 -16.22 33.70
C GLY C 59 -7.17 -17.68 33.72
N ALA C 60 -7.28 -18.35 32.58
CA ALA C 60 -6.94 -19.77 32.40
C ALA C 60 -5.70 -19.86 31.52
N PHE C 61 -4.81 -20.81 31.82
CA PHE C 61 -3.60 -21.11 31.03
C PHE C 61 -3.74 -22.49 30.42
N PHE C 62 -3.34 -22.62 29.16
CA PHE C 62 -3.31 -23.90 28.41
C PHE C 62 -1.94 -24.00 27.77
N GLN C 63 -1.17 -25.03 28.13
CA GLN C 63 0.12 -25.28 27.47
C GLN C 63 -0.19 -26.00 26.16
N VAL C 64 0.24 -25.40 25.05
CA VAL C 64 -0.25 -25.76 23.69
C VAL C 64 0.88 -25.51 22.71
N ASP C 65 1.23 -26.50 21.89
CA ASP C 65 2.13 -26.35 20.72
C ASP C 65 1.25 -26.02 19.52
N LEU C 66 1.17 -24.75 19.14
CA LEU C 66 0.25 -24.27 18.09
C LEU C 66 0.68 -24.80 16.71
N GLU C 67 1.85 -25.41 16.59
CA GLU C 67 2.24 -26.13 15.35
C GLU C 67 1.26 -27.29 15.06
N ASP C 68 0.70 -27.92 16.10
CA ASP C 68 -0.10 -29.17 16.02
C ASP C 68 -1.59 -28.83 15.91
N GLU C 69 -2.24 -29.21 14.82
CA GLU C 69 -3.67 -28.88 14.56
C GLU C 69 -4.57 -29.50 15.64
N ARG C 70 -4.21 -30.67 16.18
CA ARG C 70 -5.02 -31.32 17.25
C ARG C 70 -4.98 -30.44 18.50
N GLU C 71 -3.81 -29.92 18.85
CA GLU C 71 -3.63 -29.03 20.04
C GLU C 71 -4.38 -27.71 19.84
N ARG C 72 -4.54 -27.22 18.60
CA ARG C 72 -5.29 -25.96 18.33
C ARG C 72 -6.77 -26.21 18.57
N VAL C 73 -7.27 -27.36 18.11
CA VAL C 73 -8.68 -27.78 18.32
C VAL C 73 -8.89 -27.90 19.84
N ARG C 74 -8.00 -28.59 20.53
CA ARG C 74 -8.09 -28.79 22.00
C ARG C 74 -8.11 -27.42 22.70
N PHE C 75 -7.22 -26.50 22.33
CA PHE C 75 -7.10 -25.18 23.00
C PHE C 75 -8.45 -24.45 22.94
N VAL C 76 -9.07 -24.36 21.76
CA VAL C 76 -10.29 -23.54 21.57
C VAL C 76 -11.44 -24.21 22.32
N GLU C 77 -11.61 -25.53 22.17
CA GLU C 77 -12.61 -26.34 22.92
C GLU C 77 -12.48 -26.09 24.43
N GLU C 78 -11.28 -26.32 24.99
CA GLU C 78 -11.03 -26.23 26.46
C GLU C 78 -11.15 -24.78 26.93
N ALA C 79 -10.66 -23.81 26.15
CA ALA C 79 -10.78 -22.37 26.49
C ALA C 79 -12.26 -22.00 26.56
N ALA C 80 -13.02 -22.37 25.52
CA ALA C 80 -14.47 -22.10 25.39
C ALA C 80 -15.21 -22.65 26.62
N TYR C 81 -14.97 -23.91 26.98
CA TYR C 81 -15.60 -24.56 28.15
C TYR C 81 -15.20 -23.79 29.42
N ALA C 82 -13.93 -23.46 29.60
CA ALA C 82 -13.44 -22.80 30.84
C ALA C 82 -14.05 -21.40 30.98
N LEU C 83 -14.20 -20.64 29.90
CA LEU C 83 -14.63 -19.22 29.94
C LEU C 83 -16.16 -19.16 29.93
N GLY C 84 -16.79 -20.12 29.25
CA GLY C 84 -18.25 -20.18 29.08
C GLY C 84 -18.70 -19.47 27.82
N ARG C 85 -17.78 -18.76 27.14
CA ARG C 85 -18.09 -18.00 25.91
C ARG C 85 -16.77 -17.58 25.24
N VAL C 86 -16.82 -17.31 23.95
CA VAL C 86 -15.67 -16.74 23.20
C VAL C 86 -16.17 -15.49 22.47
N ASP C 87 -15.55 -14.34 22.73
CA ASP C 87 -15.92 -13.04 22.13
C ASP C 87 -14.77 -12.51 21.27
N VAL C 88 -13.53 -12.75 21.71
CA VAL C 88 -12.30 -12.24 21.06
C VAL C 88 -11.28 -13.38 20.93
N LEU C 89 -10.61 -13.44 19.78
CA LEU C 89 -9.36 -14.20 19.61
C LEU C 89 -8.24 -13.22 19.24
N VAL C 90 -7.09 -13.32 19.90
CA VAL C 90 -5.86 -12.61 19.47
C VAL C 90 -4.83 -13.65 19.02
N ASN C 91 -4.46 -13.63 17.73
CA ASN C 91 -3.37 -14.46 17.17
C ASN C 91 -2.07 -13.70 17.32
N ASN C 92 -1.38 -13.95 18.43
CA ASN C 92 -0.15 -13.21 18.80
C ASN C 92 1.06 -14.11 18.61
N ALA C 93 0.93 -15.41 18.88
CA ALA C 93 2.04 -16.39 18.83
C ALA C 93 2.66 -16.37 17.43
N ALA C 94 3.98 -16.36 17.36
CA ALA C 94 4.76 -16.39 16.11
C ALA C 94 6.20 -16.82 16.39
N ILE C 95 6.84 -17.39 15.37
CA ILE C 95 8.27 -17.78 15.38
C ILE C 95 8.93 -17.23 14.12
N ALA C 96 10.26 -17.27 14.08
CA ALA C 96 11.10 -16.90 12.93
C ALA C 96 12.07 -18.05 12.70
N ALA C 97 12.57 -18.18 11.47
CA ALA C 97 13.67 -19.11 11.10
C ALA C 97 14.72 -18.30 10.34
N PRO C 98 15.85 -17.93 10.96
CA PRO C 98 16.87 -17.15 10.28
C PRO C 98 17.22 -17.76 8.91
N GLY C 99 17.44 -16.90 7.91
CA GLY C 99 17.91 -17.32 6.59
C GLY C 99 17.11 -16.71 5.46
N SER C 100 17.78 -16.43 4.35
CA SER C 100 17.20 -16.18 3.02
C SER C 100 16.57 -17.47 2.50
N ALA C 101 15.88 -17.39 1.36
CA ALA C 101 15.49 -18.58 0.54
C ALA C 101 16.71 -19.50 0.37
N LEU C 102 17.92 -18.94 0.24
CA LEU C 102 19.18 -19.69 0.00
C LEU C 102 19.58 -20.52 1.24
N THR C 103 19.27 -20.04 2.44
CA THR C 103 19.90 -20.46 3.72
C THR C 103 18.90 -21.23 4.59
N VAL C 104 17.62 -20.87 4.55
CA VAL C 104 16.58 -21.49 5.41
C VAL C 104 16.35 -22.93 4.94
N ARG C 105 16.16 -23.84 5.89
CA ARG C 105 15.83 -25.25 5.63
C ARG C 105 14.31 -25.39 5.43
N LEU C 106 13.88 -26.22 4.48
CA LEU C 106 12.46 -26.41 4.13
C LEU C 106 11.61 -26.74 5.35
N PRO C 107 12.00 -27.68 6.25
CA PRO C 107 11.17 -27.99 7.42
C PRO C 107 10.95 -26.79 8.34
N GLU C 108 11.97 -25.97 8.56
CA GLU C 108 11.94 -24.76 9.43
C GLU C 108 11.01 -23.72 8.77
N TRP C 109 11.17 -23.51 7.46
CA TRP C 109 10.27 -22.66 6.64
C TRP C 109 8.81 -23.11 6.83
N ARG C 110 8.51 -24.39 6.66
CA ARG C 110 7.12 -24.92 6.78
C ARG C 110 6.58 -24.76 8.21
N ARG C 111 7.40 -24.96 9.23
CA ARG C 111 7.00 -24.77 10.65
C ARG C 111 6.64 -23.28 10.89
N VAL C 112 7.43 -22.35 10.36
CA VAL C 112 7.10 -20.90 10.48
C VAL C 112 5.76 -20.64 9.80
N LEU C 113 5.52 -21.20 8.61
CA LEU C 113 4.23 -21.04 7.90
C LEU C 113 3.09 -21.64 8.73
N GLU C 114 3.31 -22.80 9.34
CA GLU C 114 2.26 -23.51 10.13
C GLU C 114 1.89 -22.67 11.37
N VAL C 115 2.88 -22.20 12.12
CA VAL C 115 2.62 -21.44 13.38
C VAL C 115 2.10 -20.04 13.06
N ASN C 116 2.68 -19.36 12.07
CA ASN C 116 2.51 -17.89 11.87
C ASN C 116 1.30 -17.61 10.98
N LEU C 117 0.91 -18.56 10.13
CA LEU C 117 -0.11 -18.33 9.09
C LEU C 117 -1.22 -19.38 9.17
N THR C 118 -0.90 -20.67 9.18
CA THR C 118 -1.94 -21.74 9.19
C THR C 118 -2.65 -21.74 10.54
N ALA C 119 -1.92 -21.61 11.64
CA ALA C 119 -2.52 -21.61 13.00
C ALA C 119 -3.51 -20.45 13.14
N PRO C 120 -3.16 -19.19 12.82
CA PRO C 120 -4.13 -18.11 12.88
C PRO C 120 -5.38 -18.39 12.05
N MET C 121 -5.24 -18.98 10.87
CA MET C 121 -6.39 -19.30 9.99
C MET C 121 -7.29 -20.29 10.76
N HIS C 122 -6.68 -21.37 11.23
CA HIS C 122 -7.36 -22.52 11.85
C HIS C 122 -8.04 -22.06 13.15
N LEU C 123 -7.29 -21.40 14.03
CA LEU C 123 -7.83 -20.83 15.29
C LEU C 123 -8.97 -19.84 15.00
N SER C 124 -8.86 -19.02 13.95
CA SER C 124 -9.92 -18.04 13.58
C SER C 124 -11.21 -18.80 13.23
N ALA C 125 -11.10 -19.87 12.45
CA ALA C 125 -12.25 -20.74 12.09
C ALA C 125 -12.84 -21.37 13.36
N LEU C 126 -12.00 -21.99 14.20
CA LEU C 126 -12.45 -22.67 15.45
C LEU C 126 -13.14 -21.65 16.36
N ALA C 127 -12.50 -20.50 16.57
CA ALA C 127 -12.98 -19.43 17.47
C ALA C 127 -14.28 -18.85 16.90
N ALA C 128 -14.36 -18.66 15.58
CA ALA C 128 -15.53 -18.07 14.90
C ALA C 128 -16.78 -18.91 15.19
N ARG C 129 -16.63 -20.24 15.18
CA ARG C 129 -17.74 -21.18 15.49
C ARG C 129 -18.26 -20.91 16.90
N GLU C 130 -17.39 -20.57 17.85
CA GLU C 130 -17.77 -20.28 19.26
C GLU C 130 -18.37 -18.87 19.40
N MET C 131 -18.11 -17.96 18.45
CA MET C 131 -18.45 -16.52 18.58
C MET C 131 -19.88 -16.21 18.13
N ARG C 132 -20.54 -17.10 17.36
CA ARG C 132 -21.92 -16.91 16.87
C ARG C 132 -22.87 -16.81 18.07
N LYS C 133 -22.58 -17.62 19.09
CA LYS C 133 -23.44 -17.85 20.27
C LYS C 133 -23.86 -16.50 20.85
N PRO C 134 -23.02 -15.78 21.62
CA PRO C 134 -23.41 -14.44 22.08
C PRO C 134 -23.50 -13.40 20.94
N GLY C 135 -23.54 -12.12 21.31
CA GLY C 135 -23.45 -10.96 20.39
C GLY C 135 -22.19 -11.01 19.52
N PRO C 136 -21.64 -9.85 19.11
CA PRO C 136 -20.61 -9.81 18.07
C PRO C 136 -19.21 -10.24 18.55
N GLY C 137 -18.35 -10.60 17.60
CA GLY C 137 -17.03 -11.23 17.82
C GLY C 137 -15.93 -10.39 17.20
N ALA C 138 -14.70 -10.49 17.68
CA ALA C 138 -13.57 -9.78 17.06
C ALA C 138 -12.36 -10.69 17.05
N ILE C 139 -11.59 -10.60 15.97
CA ILE C 139 -10.26 -11.24 15.89
C ILE C 139 -9.23 -10.14 15.60
N VAL C 140 -8.12 -10.22 16.30
CA VAL C 140 -6.97 -9.33 16.03
C VAL C 140 -5.76 -10.23 15.80
N ASN C 141 -5.13 -10.05 14.64
CA ASN C 141 -3.86 -10.72 14.27
C ASN C 141 -2.71 -9.76 14.60
N VAL C 142 -1.70 -10.25 15.30
CA VAL C 142 -0.42 -9.51 15.49
C VAL C 142 0.48 -9.88 14.31
N ALA C 143 0.55 -8.96 13.35
CA ALA C 143 1.44 -9.08 12.19
C ALA C 143 2.78 -8.46 12.57
N SER C 144 3.32 -7.62 11.70
CA SER C 144 4.62 -6.94 11.88
C SER C 144 4.80 -5.95 10.73
N TYR C 145 5.64 -4.94 10.91
CA TYR C 145 6.13 -4.12 9.78
C TYR C 145 6.75 -5.07 8.74
N LEU C 146 7.27 -6.23 9.14
CA LEU C 146 7.87 -7.25 8.24
C LEU C 146 6.83 -8.18 7.59
N GLY C 147 5.53 -7.87 7.73
CA GLY C 147 4.45 -8.40 6.86
C GLY C 147 4.23 -7.50 5.65
N LEU C 148 4.68 -6.25 5.71
CA LEU C 148 4.46 -5.21 4.68
C LEU C 148 5.76 -4.89 3.93
N PHE C 149 6.90 -5.17 4.55
CA PHE C 149 8.26 -4.99 3.98
C PHE C 149 9.05 -6.25 4.30
N ALA C 150 10.19 -6.41 3.63
CA ALA C 150 11.16 -7.48 3.89
C ALA C 150 12.34 -6.88 4.68
N GLU C 151 13.12 -7.76 5.31
CA GLU C 151 14.50 -7.46 5.78
C GLU C 151 15.37 -8.63 5.35
N GLN C 152 16.68 -8.50 5.50
CA GLN C 152 17.67 -9.52 5.07
C GLN C 152 17.45 -10.78 5.90
N GLU C 153 17.59 -11.95 5.28
CA GLU C 153 17.79 -13.24 5.97
C GLU C 153 16.61 -13.52 6.91
N ASN C 154 15.38 -13.33 6.45
CA ASN C 154 14.20 -13.59 7.30
C ASN C 154 13.01 -13.98 6.42
N ALA C 155 13.27 -14.78 5.40
CA ALA C 155 12.30 -15.09 4.33
C ALA C 155 11.01 -15.68 4.94
N ALA C 156 11.12 -16.67 5.82
CA ALA C 156 9.95 -17.41 6.36
C ALA C 156 9.05 -16.46 7.14
N TYR C 157 9.62 -15.61 7.99
CA TYR C 157 8.91 -14.61 8.80
C TYR C 157 8.25 -13.58 7.86
N ASN C 158 8.98 -13.08 6.86
CA ASN C 158 8.48 -12.09 5.89
C ASN C 158 7.29 -12.67 5.12
N ALA C 159 7.45 -13.89 4.60
CA ALA C 159 6.43 -14.58 3.81
C ALA C 159 5.20 -14.86 4.67
N SER C 160 5.38 -15.35 5.89
CA SER C 160 4.26 -15.78 6.76
C SER C 160 3.50 -14.53 7.24
N LYS C 161 4.19 -13.45 7.57
CA LYS C 161 3.52 -12.21 8.05
C LYS C 161 2.83 -11.54 6.88
N GLY C 162 3.41 -11.63 5.68
CA GLY C 162 2.74 -11.19 4.44
C GLY C 162 1.43 -11.90 4.25
N GLY C 163 1.44 -13.23 4.35
CA GLY C 163 0.23 -14.06 4.23
C GLY C 163 -0.79 -13.70 5.31
N LEU C 164 -0.32 -13.40 6.54
CA LEU C 164 -1.19 -13.07 7.68
C LEU C 164 -1.94 -11.75 7.41
N VAL C 165 -1.26 -10.81 6.80
CA VAL C 165 -1.86 -9.51 6.43
C VAL C 165 -3.02 -9.78 5.46
N ASN C 166 -2.81 -10.56 4.40
CA ASN C 166 -3.91 -10.76 3.43
C ASN C 166 -4.92 -11.76 4.02
N LEU C 167 -4.50 -12.69 4.87
CA LEU C 167 -5.46 -13.57 5.59
C LEU C 167 -6.40 -12.72 6.45
N THR C 168 -5.89 -11.68 7.10
CA THR C 168 -6.70 -10.75 7.90
C THR C 168 -7.80 -10.19 7.02
N ARG C 169 -7.49 -9.80 5.79
CA ARG C 169 -8.51 -9.21 4.87
C ARG C 169 -9.52 -10.30 4.47
N SER C 170 -9.04 -11.50 4.15
CA SER C 170 -9.86 -12.67 3.79
C SER C 170 -10.84 -13.00 4.91
N LEU C 171 -10.33 -13.17 6.13
CA LEU C 171 -11.20 -13.44 7.30
C LEU C 171 -12.21 -12.30 7.49
N ALA C 172 -11.77 -11.05 7.37
CA ALA C 172 -12.65 -9.85 7.50
C ALA C 172 -13.84 -10.04 6.58
N LEU C 173 -13.60 -10.42 5.33
CA LEU C 173 -14.70 -10.54 4.33
C LEU C 173 -15.57 -11.73 4.69
N ASP C 174 -14.97 -12.87 5.02
CA ASP C 174 -15.70 -14.14 5.16
C ASP C 174 -16.43 -14.18 6.50
N LEU C 175 -15.94 -13.48 7.53
CA LEU C 175 -16.57 -13.52 8.87
C LEU C 175 -17.47 -12.31 9.13
N ALA C 176 -17.50 -11.28 8.27
CA ALA C 176 -18.43 -10.12 8.40
C ALA C 176 -19.88 -10.62 8.54
N PRO C 177 -20.34 -11.60 7.73
CA PRO C 177 -21.70 -12.14 7.88
C PRO C 177 -22.00 -12.77 9.24
N LEU C 178 -20.98 -13.25 9.96
CA LEU C 178 -21.13 -13.77 11.34
C LEU C 178 -21.03 -12.64 12.37
N ARG C 179 -21.09 -11.37 11.96
CA ARG C 179 -20.85 -10.18 12.83
C ARG C 179 -19.50 -10.31 13.55
N ILE C 180 -18.46 -10.79 12.85
CA ILE C 180 -17.08 -10.86 13.42
C ILE C 180 -16.22 -9.87 12.63
N ARG C 181 -15.57 -8.95 13.33
CA ARG C 181 -14.58 -8.02 12.74
C ARG C 181 -13.20 -8.66 12.85
N VAL C 182 -12.38 -8.55 11.81
CA VAL C 182 -11.01 -9.11 11.81
C VAL C 182 -10.07 -8.01 11.36
N ASN C 183 -9.11 -7.68 12.22
CA ASN C 183 -8.12 -6.61 11.99
C ASN C 183 -6.75 -7.13 12.40
N ALA C 184 -5.71 -6.41 12.01
CA ALA C 184 -4.32 -6.73 12.43
C ALA C 184 -3.65 -5.47 12.96
N VAL C 185 -2.68 -5.67 13.83
CA VAL C 185 -1.66 -4.64 14.20
C VAL C 185 -0.35 -5.07 13.55
N ALA C 186 0.41 -4.09 13.10
CA ALA C 186 1.76 -4.27 12.51
C ALA C 186 2.75 -3.54 13.42
N PRO C 187 3.23 -4.16 14.50
CA PRO C 187 4.13 -3.46 15.41
C PRO C 187 5.47 -3.14 14.74
N GLY C 188 6.07 -2.04 15.17
CA GLY C 188 7.49 -1.77 14.93
C GLY C 188 8.30 -2.53 15.95
N PHE C 189 9.46 -2.03 16.32
CA PHE C 189 10.35 -2.66 17.31
C PHE C 189 9.76 -2.41 18.70
N ILE C 190 9.38 -3.50 19.37
CA ILE C 190 8.75 -3.45 20.72
C ILE C 190 9.72 -4.10 21.71
N ALA C 191 9.97 -3.42 22.83
CA ALA C 191 10.92 -3.85 23.89
C ALA C 191 10.31 -5.00 24.71
N THR C 192 10.06 -6.13 24.06
CA THR C 192 9.72 -7.41 24.70
C THR C 192 11.03 -8.09 25.11
N GLU C 193 10.95 -9.17 25.88
CA GLU C 193 12.16 -9.95 26.29
C GLU C 193 12.84 -10.48 25.03
N ALA C 194 12.06 -10.90 24.01
CA ALA C 194 12.57 -11.39 22.71
C ALA C 194 13.50 -10.33 22.10
N LEU C 195 13.07 -9.08 22.04
CA LEU C 195 13.90 -8.03 21.41
C LEU C 195 15.07 -7.69 22.33
N LEU C 196 14.87 -7.58 23.64
CA LEU C 196 15.97 -7.24 24.60
C LEU C 196 17.04 -8.34 24.59
N GLU C 197 16.66 -9.61 24.37
CA GLU C 197 17.61 -10.75 24.25
C GLU C 197 18.50 -10.50 23.02
N LEU C 198 17.89 -10.30 21.86
CA LEU C 198 18.60 -9.99 20.60
C LEU C 198 19.57 -8.82 20.82
N ILE C 199 19.10 -7.72 21.42
CA ILE C 199 19.94 -6.51 21.67
C ILE C 199 21.13 -6.89 22.56
N ALA C 200 20.84 -7.57 23.67
CA ALA C 200 21.80 -7.97 24.73
C ALA C 200 22.97 -8.74 24.13
N LEU C 201 22.71 -9.57 23.11
CA LEU C 201 23.69 -10.44 22.43
C LEU C 201 24.70 -9.68 21.56
N SER C 202 24.47 -8.39 21.28
CA SER C 202 25.28 -7.64 20.29
C SER C 202 26.56 -7.15 20.94
N PRO C 203 27.66 -6.94 20.17
CA PRO C 203 28.90 -6.38 20.71
C PRO C 203 28.73 -5.08 21.52
N ASP C 204 27.81 -4.21 21.10
CA ASP C 204 27.53 -2.89 21.75
C ASP C 204 26.01 -2.72 21.91
N PRO C 205 25.39 -3.33 22.94
CA PRO C 205 23.93 -3.33 23.08
C PRO C 205 23.31 -1.93 22.98
N GLU C 206 23.91 -0.89 23.58
CA GLU C 206 23.33 0.47 23.58
C GLU C 206 23.34 1.03 22.16
N ARG C 207 24.36 0.73 21.37
CA ARG C 207 24.46 1.21 19.96
C ARG C 207 23.39 0.46 19.13
N THR C 208 23.29 -0.86 19.26
CA THR C 208 22.25 -1.68 18.60
C THR C 208 20.86 -1.12 18.92
N ARG C 209 20.57 -0.87 20.19
CA ARG C 209 19.26 -0.32 20.62
C ARG C 209 19.04 1.07 19.99
N ARG C 210 20.02 1.95 20.05
CA ARG C 210 19.99 3.31 19.45
C ARG C 210 19.69 3.20 17.95
N ASP C 211 20.31 2.26 17.24
CA ASP C 211 20.11 2.06 15.77
C ASP C 211 18.65 1.64 15.50
N MET C 212 18.10 0.76 16.33
CA MET C 212 16.69 0.32 16.26
C MET C 212 15.76 1.50 16.55
N GLU C 213 16.04 2.26 17.61
CA GLU C 213 15.27 3.46 18.00
C GLU C 213 15.19 4.43 16.83
N ASP C 214 16.32 4.66 16.15
CA ASP C 214 16.47 5.70 15.10
C ASP C 214 15.62 5.33 13.88
N LEU C 215 15.17 4.08 13.73
CA LEU C 215 14.30 3.68 12.59
C LEU C 215 12.87 4.22 12.78
N HIS C 216 12.51 4.63 14.00
CA HIS C 216 11.16 5.11 14.37
C HIS C 216 11.19 6.63 14.40
N ALA C 217 10.15 7.27 13.90
CA ALA C 217 10.00 8.74 13.99
C ALA C 217 9.98 9.14 15.46
N LEU C 218 9.45 8.29 16.35
CA LEU C 218 9.41 8.60 17.80
C LEU C 218 10.77 8.33 18.44
N ARG C 219 11.72 7.72 17.74
CA ARG C 219 13.13 7.58 18.21
C ARG C 219 13.15 6.87 19.56
N ARG C 220 12.32 5.84 19.69
CA ARG C 220 12.31 4.93 20.86
C ARG C 220 11.70 3.59 20.42
N LEU C 221 11.89 2.56 21.24
CA LEU C 221 11.22 1.25 21.08
C LEU C 221 9.79 1.37 21.61
N GLY C 222 8.88 0.56 21.10
CA GLY C 222 7.52 0.47 21.64
C GLY C 222 7.51 -0.30 22.94
N LYS C 223 6.50 -0.07 23.75
CA LYS C 223 6.22 -0.91 24.93
C LYS C 223 5.21 -1.96 24.51
N PRO C 224 5.28 -3.19 25.06
CA PRO C 224 4.27 -4.22 24.78
C PRO C 224 2.86 -3.71 25.06
N GLU C 225 2.70 -2.90 26.12
CA GLU C 225 1.42 -2.31 26.56
C GLU C 225 0.83 -1.39 25.47
N GLU C 226 1.68 -0.74 24.69
CA GLU C 226 1.27 0.17 23.60
C GLU C 226 0.66 -0.64 22.44
N VAL C 227 1.20 -1.84 22.17
CA VAL C 227 0.58 -2.76 21.19
C VAL C 227 -0.75 -3.27 21.76
N ALA C 228 -0.76 -3.60 23.04
CA ALA C 228 -1.96 -4.12 23.74
C ALA C 228 -3.12 -3.14 23.58
N GLU C 229 -2.87 -1.84 23.77
CA GLU C 229 -3.91 -0.79 23.69
C GLU C 229 -4.54 -0.80 22.30
N ALA C 230 -3.75 -0.94 21.24
CA ALA C 230 -4.24 -0.97 19.84
C ALA C 230 -5.09 -2.23 19.64
N VAL C 231 -4.64 -3.37 20.19
CA VAL C 231 -5.40 -4.64 20.11
C VAL C 231 -6.74 -4.48 20.84
N LEU C 232 -6.72 -3.98 22.08
CA LEU C 232 -7.96 -3.72 22.85
C LEU C 232 -8.91 -2.85 22.04
N PHE C 233 -8.41 -1.76 21.46
CA PHE C 233 -9.24 -0.83 20.63
C PHE C 233 -9.89 -1.60 19.48
N LEU C 234 -9.10 -2.32 18.69
CA LEU C 234 -9.60 -3.05 17.49
C LEU C 234 -10.55 -4.18 17.93
N ALA C 235 -10.39 -4.75 19.12
CA ALA C 235 -11.26 -5.84 19.60
C ALA C 235 -12.57 -5.29 20.13
N SER C 236 -12.62 -4.00 20.46
CA SER C 236 -13.73 -3.34 21.20
C SER C 236 -14.81 -2.84 20.24
N GLU C 237 -15.96 -2.46 20.79
CA GLU C 237 -17.09 -1.91 20.01
C GLU C 237 -16.79 -0.47 19.59
N LYS C 238 -15.73 0.16 20.11
CA LYS C 238 -15.26 1.48 19.62
C LYS C 238 -14.77 1.35 18.17
N ALA C 239 -14.35 0.15 17.76
CA ALA C 239 -13.89 -0.16 16.40
C ALA C 239 -14.99 -0.87 15.59
N SER C 240 -16.26 -0.57 15.84
CA SER C 240 -17.42 -1.29 15.24
C SER C 240 -17.46 -1.12 13.71
N PHE C 241 -16.92 -0.05 13.14
CA PHE C 241 -16.85 0.10 11.67
C PHE C 241 -15.44 -0.16 11.13
N ILE C 242 -14.59 -0.83 11.91
CA ILE C 242 -13.21 -1.18 11.46
C ILE C 242 -13.11 -2.69 11.31
N THR C 243 -12.91 -3.15 10.08
CA THR C 243 -12.63 -4.58 9.77
C THR C 243 -11.74 -4.62 8.54
N GLY C 244 -10.84 -5.60 8.48
CA GLY C 244 -9.90 -5.80 7.37
C GLY C 244 -8.77 -4.77 7.38
N ALA C 245 -8.62 -4.02 8.47
CA ALA C 245 -7.58 -2.97 8.62
C ALA C 245 -6.29 -3.59 9.18
N ILE C 246 -5.15 -3.10 8.68
CA ILE C 246 -3.80 -3.37 9.20
C ILE C 246 -3.32 -2.06 9.81
N LEU C 247 -3.31 -1.97 11.13
CA LEU C 247 -2.94 -0.74 11.88
C LEU C 247 -1.46 -0.83 12.28
N PRO C 248 -0.58 0.01 11.70
CA PRO C 248 0.80 0.09 12.17
C PRO C 248 0.83 0.65 13.60
N VAL C 249 1.54 -0.06 14.48
CA VAL C 249 1.85 0.43 15.85
C VAL C 249 3.37 0.42 15.93
N ASP C 250 3.97 1.36 15.24
CA ASP C 250 5.40 1.28 14.84
C ASP C 250 6.11 2.62 15.03
N GLY C 251 5.56 3.57 15.77
CA GLY C 251 6.23 4.84 16.06
C GLY C 251 6.65 5.56 14.79
N GLY C 252 5.97 5.32 13.67
CA GLY C 252 6.26 5.94 12.38
C GLY C 252 7.32 5.22 11.55
N LEU C 253 7.75 4.03 11.96
CA LEU C 253 8.75 3.18 11.24
C LEU C 253 8.45 3.13 9.74
N THR C 254 7.22 2.76 9.36
CA THR C 254 6.83 2.48 7.95
C THR C 254 6.42 3.75 7.21
N ALA C 255 6.44 4.92 7.86
CA ALA C 255 6.09 6.22 7.24
C ALA C 255 7.31 6.83 6.53
N SER C 256 8.55 6.33 6.74
CA SER C 256 9.80 6.88 6.12
C SER C 256 10.96 5.86 6.09
N PHE C 257 12.08 6.20 5.40
CA PHE C 257 13.38 5.45 5.31
C PHE C 257 14.58 6.37 5.64
N MET D 9 11.04 0.08 -38.19
CA MET D 9 11.49 1.21 -37.30
C MET D 9 11.17 0.79 -35.85
N GLY D 10 10.95 1.76 -34.94
CA GLY D 10 10.92 1.57 -33.48
C GLY D 10 9.53 1.64 -32.81
N LEU D 11 9.55 1.51 -31.49
CA LEU D 11 8.38 1.33 -30.60
C LEU D 11 7.48 2.58 -30.67
N PHE D 12 8.01 3.75 -31.00
CA PHE D 12 7.24 5.02 -31.00
C PHE D 12 7.41 5.73 -32.34
N ALA D 13 7.70 4.96 -33.38
CA ALA D 13 8.00 5.46 -34.74
C ALA D 13 6.84 6.35 -35.16
N GLY D 14 7.08 7.65 -35.34
CA GLY D 14 6.10 8.62 -35.86
C GLY D 14 5.08 9.07 -34.80
N LYS D 15 5.27 8.68 -33.54
CA LYS D 15 4.38 9.11 -32.43
C LYS D 15 4.87 10.46 -31.91
N GLY D 16 3.92 11.33 -31.53
CA GLY D 16 4.22 12.59 -30.84
C GLY D 16 4.29 12.37 -29.34
N VAL D 17 5.39 12.78 -28.72
CA VAL D 17 5.65 12.58 -27.27
C VAL D 17 5.96 13.94 -26.66
N LEU D 18 5.20 14.34 -25.65
CA LEU D 18 5.44 15.57 -24.87
C LEU D 18 6.15 15.16 -23.58
N VAL D 19 7.28 15.80 -23.26
CA VAL D 19 8.07 15.52 -22.05
C VAL D 19 8.29 16.84 -21.32
N THR D 20 7.80 16.98 -20.10
CA THR D 20 8.02 18.22 -19.31
C THR D 20 9.35 18.04 -18.60
N GLY D 21 10.07 19.14 -18.34
CA GLY D 21 11.37 19.13 -17.65
C GLY D 21 12.41 18.34 -18.40
N GLY D 22 12.43 18.44 -19.74
CA GLY D 22 13.32 17.63 -20.60
C GLY D 22 14.74 18.19 -20.74
N ALA D 23 15.10 19.30 -20.10
CA ALA D 23 16.41 19.96 -20.30
C ALA D 23 17.52 19.11 -19.68
N ARG D 24 17.25 18.37 -18.61
CA ARG D 24 18.29 17.50 -18.00
C ARG D 24 17.69 16.38 -17.17
N GLY D 25 18.55 15.59 -16.54
CA GLY D 25 18.17 14.55 -15.56
C GLY D 25 17.27 13.55 -16.23
N ILE D 26 16.25 13.08 -15.51
CA ILE D 26 15.36 12.00 -15.98
C ILE D 26 14.60 12.47 -17.24
N GLY D 27 14.10 13.69 -17.24
CA GLY D 27 13.38 14.22 -18.41
C GLY D 27 14.21 14.15 -19.68
N ARG D 28 15.48 14.54 -19.62
CA ARG D 28 16.38 14.47 -20.79
C ARG D 28 16.52 13.02 -21.22
N ALA D 29 16.76 12.11 -20.28
CA ALA D 29 16.92 10.66 -20.55
C ALA D 29 15.62 10.13 -21.20
N ILE D 30 14.47 10.59 -20.74
CA ILE D 30 13.15 10.17 -21.29
C ILE D 30 13.05 10.68 -22.74
N ALA D 31 13.32 11.97 -22.97
CA ALA D 31 13.29 12.55 -24.35
C ALA D 31 14.22 11.76 -25.27
N GLN D 32 15.44 11.43 -24.83
CA GLN D 32 16.41 10.64 -25.65
C GLN D 32 15.86 9.25 -25.95
N ALA D 33 15.31 8.55 -24.95
CA ALA D 33 14.80 7.17 -25.10
C ALA D 33 13.64 7.19 -26.11
N PHE D 34 12.72 8.13 -26.00
CA PHE D 34 11.59 8.23 -26.99
C PHE D 34 12.14 8.46 -28.41
N ALA D 35 13.12 9.37 -28.57
CA ALA D 35 13.68 9.76 -29.90
C ALA D 35 14.44 8.56 -30.48
N ARG D 36 15.18 7.82 -29.65
CA ARG D 36 15.84 6.57 -30.07
C ARG D 36 14.80 5.62 -30.66
N GLU D 37 13.55 5.61 -30.17
CA GLU D 37 12.50 4.65 -30.62
C GLU D 37 11.63 5.29 -31.70
N GLY D 38 12.11 6.39 -32.31
CA GLY D 38 11.53 6.99 -33.52
C GLY D 38 10.43 8.01 -33.22
N ALA D 39 10.32 8.51 -31.99
CA ALA D 39 9.27 9.48 -31.62
C ALA D 39 9.64 10.87 -32.14
N LEU D 40 8.63 11.67 -32.48
CA LEU D 40 8.76 13.15 -32.54
C LEU D 40 8.53 13.70 -31.12
N VAL D 41 9.58 14.24 -30.50
CA VAL D 41 9.56 14.66 -29.08
C VAL D 41 9.45 16.17 -29.01
N ALA D 42 8.45 16.68 -28.31
CA ALA D 42 8.39 18.08 -27.87
C ALA D 42 8.68 18.08 -26.37
N LEU D 43 9.81 18.64 -25.95
CA LEU D 43 10.12 18.82 -24.52
C LEU D 43 9.98 20.29 -24.18
N CYS D 44 9.57 20.56 -22.95
CA CYS D 44 9.57 21.93 -22.41
C CYS D 44 10.47 21.97 -21.18
N ASP D 45 10.91 23.17 -20.83
CA ASP D 45 11.70 23.39 -19.60
C ASP D 45 11.78 24.89 -19.36
N LEU D 46 12.07 25.28 -18.12
CA LEU D 46 12.36 26.69 -17.75
C LEU D 46 13.77 27.02 -18.22
N ARG D 47 14.66 26.03 -18.29
CA ARG D 47 16.09 26.21 -18.63
C ARG D 47 16.21 26.30 -20.16
N PRO D 48 16.82 27.38 -20.73
CA PRO D 48 16.93 27.51 -22.18
C PRO D 48 17.86 26.47 -22.85
N GLU D 49 18.76 25.84 -22.08
CA GLU D 49 19.68 24.77 -22.56
C GLU D 49 18.88 23.56 -23.07
N GLY D 50 17.59 23.46 -22.75
CA GLY D 50 16.69 22.43 -23.32
C GLY D 50 16.64 22.48 -24.84
N LYS D 51 16.92 23.66 -25.42
CA LYS D 51 17.06 23.85 -26.89
C LYS D 51 18.04 22.81 -27.43
N GLU D 52 19.20 22.64 -26.79
CA GLU D 52 20.27 21.74 -27.28
C GLU D 52 19.80 20.29 -27.19
N VAL D 53 19.05 19.93 -26.14
CA VAL D 53 18.55 18.53 -26.00
C VAL D 53 17.63 18.25 -27.18
N ALA D 54 16.71 19.15 -27.52
CA ALA D 54 15.79 19.02 -28.68
C ALA D 54 16.56 18.91 -30.01
N GLU D 55 17.52 19.81 -30.24
CA GLU D 55 18.37 19.82 -31.47
C GLU D 55 19.07 18.46 -31.62
N ALA D 56 19.66 17.95 -30.55
CA ALA D 56 20.47 16.71 -30.57
C ALA D 56 19.59 15.50 -30.88
N ILE D 57 18.29 15.53 -30.56
CA ILE D 57 17.40 14.33 -30.73
C ILE D 57 16.44 14.52 -31.90
N GLY D 58 16.44 15.68 -32.56
CA GLY D 58 15.53 15.93 -33.71
C GLY D 58 14.14 16.31 -33.24
N GLY D 59 14.02 16.82 -32.02
CA GLY D 59 12.71 17.18 -31.45
C GLY D 59 12.52 18.67 -31.43
N ALA D 60 11.45 19.13 -30.78
CA ALA D 60 11.11 20.57 -30.62
C ALA D 60 11.30 20.94 -29.16
N PHE D 61 11.80 22.15 -28.91
CA PHE D 61 11.95 22.72 -27.55
C PHE D 61 11.00 23.89 -27.38
N PHE D 62 10.36 23.96 -26.21
CA PHE D 62 9.47 25.08 -25.81
C PHE D 62 9.91 25.52 -24.42
N GLN D 63 10.32 26.78 -24.28
CA GLN D 63 10.67 27.33 -22.97
C GLN D 63 9.35 27.73 -22.32
N VAL D 64 9.07 27.15 -21.16
CA VAL D 64 7.72 27.15 -20.55
C VAL D 64 7.91 27.13 -19.04
N ASP D 65 7.30 28.07 -18.33
CA ASP D 65 7.17 28.05 -16.86
C ASP D 65 5.86 27.33 -16.55
N LEU D 66 5.94 26.05 -16.17
CA LEU D 66 4.76 25.19 -15.94
C LEU D 66 3.96 25.67 -14.72
N GLU D 67 4.48 26.62 -13.94
CA GLU D 67 3.67 27.26 -12.87
C GLU D 67 2.47 28.01 -13.47
N ASP D 68 2.61 28.55 -14.68
CA ASP D 68 1.61 29.45 -15.33
C ASP D 68 0.66 28.66 -16.22
N GLU D 69 -0.64 28.67 -15.92
CA GLU D 69 -1.65 27.86 -16.66
C GLU D 69 -1.71 28.30 -18.13
N ARG D 70 -1.48 29.59 -18.43
CA ARG D 70 -1.54 30.09 -19.83
C ARG D 70 -0.36 29.45 -20.60
N GLU D 71 0.82 29.40 -19.99
CA GLU D 71 2.02 28.77 -20.61
C GLU D 71 1.80 27.26 -20.83
N ARG D 72 1.02 26.59 -19.98
CA ARG D 72 0.74 25.14 -20.11
C ARG D 72 -0.17 24.95 -21.32
N VAL D 73 -1.18 25.80 -21.47
CA VAL D 73 -2.11 25.78 -22.63
C VAL D 73 -1.26 26.00 -23.89
N ARG D 74 -0.43 27.03 -23.88
CA ARG D 74 0.44 27.37 -25.04
C ARG D 74 1.32 26.17 -25.38
N PHE D 75 1.96 25.54 -24.39
CA PHE D 75 2.91 24.42 -24.62
C PHE D 75 2.20 23.29 -25.39
N VAL D 76 1.02 22.86 -24.94
CA VAL D 76 0.33 21.67 -25.54
C VAL D 76 -0.16 22.05 -26.94
N GLU D 77 -0.78 23.22 -27.10
CA GLU D 77 -1.19 23.76 -28.43
C GLU D 77 0.01 23.76 -29.40
N GLU D 78 1.10 24.42 -29.03
CA GLU D 78 2.29 24.59 -29.91
C GLU D 78 2.99 23.25 -30.14
N ALA D 79 3.09 22.38 -29.12
CA ALA D 79 3.69 21.04 -29.26
C ALA D 79 2.87 20.24 -30.26
N ALA D 80 1.54 20.22 -30.06
CA ALA D 80 0.59 19.49 -30.92
C ALA D 80 0.73 19.94 -32.39
N TYR D 81 0.74 21.24 -32.62
CA TYR D 81 0.90 21.82 -33.98
C TYR D 81 2.25 21.39 -34.55
N ALA D 82 3.34 21.49 -33.78
CA ALA D 82 4.71 21.17 -34.27
C ALA D 82 4.83 19.68 -34.62
N LEU D 83 4.23 18.78 -33.83
CA LEU D 83 4.41 17.31 -33.97
C LEU D 83 3.40 16.77 -34.97
N GLY D 84 2.21 17.41 -35.04
CA GLY D 84 1.09 16.99 -35.91
C GLY D 84 0.18 16.00 -35.22
N ARG D 85 0.56 15.54 -34.02
CA ARG D 85 -0.22 14.54 -33.25
C ARG D 85 0.36 14.47 -31.82
N VAL D 86 -0.46 14.05 -30.87
CA VAL D 86 -0.01 13.78 -29.48
C VAL D 86 -0.44 12.35 -29.13
N ASP D 87 0.53 11.51 -28.78
CA ASP D 87 0.28 10.09 -28.43
C ASP D 87 0.64 9.83 -26.96
N VAL D 88 1.69 10.51 -26.48
CA VAL D 88 2.23 10.32 -25.11
C VAL D 88 2.47 11.69 -24.48
N LEU D 89 2.13 11.82 -23.20
CA LEU D 89 2.59 12.92 -22.34
C LEU D 89 3.39 12.29 -21.18
N VAL D 90 4.58 12.84 -20.89
CA VAL D 90 5.32 12.50 -19.64
C VAL D 90 5.37 13.75 -18.76
N ASN D 91 4.76 13.67 -17.58
CA ASN D 91 4.84 14.71 -16.53
C ASN D 91 6.05 14.41 -15.67
N ASN D 92 7.17 15.01 -16.02
CA ASN D 92 8.47 14.75 -15.37
C ASN D 92 8.86 15.95 -14.51
N ALA D 93 8.55 17.16 -14.95
CA ALA D 93 8.97 18.41 -14.29
C ALA D 93 8.46 18.41 -12.84
N ALA D 94 9.32 18.80 -11.89
CA ALA D 94 8.98 18.91 -10.47
C ALA D 94 9.98 19.80 -9.74
N ILE D 95 9.52 20.43 -8.66
CA ILE D 95 10.36 21.24 -7.76
C ILE D 95 10.10 20.78 -6.33
N ALA D 96 10.93 21.22 -5.39
CA ALA D 96 10.76 21.02 -3.94
C ALA D 96 10.88 22.39 -3.28
N ALA D 97 10.38 22.52 -2.06
CA ALA D 97 10.59 23.69 -1.18
C ALA D 97 11.01 23.16 0.18
N PRO D 98 12.33 23.18 0.51
CA PRO D 98 12.78 22.61 1.77
C PRO D 98 11.98 23.16 2.96
N GLY D 99 11.72 22.31 3.94
CA GLY D 99 11.05 22.69 5.20
C GLY D 99 9.93 21.75 5.55
N SER D 100 9.72 21.59 6.86
CA SER D 100 8.51 21.00 7.48
C SER D 100 7.33 21.94 7.25
N ALA D 101 6.13 21.51 7.62
CA ALA D 101 4.95 22.39 7.77
C ALA D 101 5.34 23.62 8.61
N LEU D 102 6.23 23.46 9.60
CA LEU D 102 6.66 24.53 10.54
C LEU D 102 7.48 25.60 9.82
N THR D 103 8.24 25.23 8.79
CA THR D 103 9.35 26.03 8.21
C THR D 103 8.97 26.58 6.83
N VAL D 104 8.22 25.81 6.05
CA VAL D 104 7.92 26.16 4.63
C VAL D 104 6.97 27.38 4.63
N ARG D 105 7.20 28.30 3.71
CA ARG D 105 6.35 29.50 3.50
C ARG D 105 5.19 29.11 2.59
N LEU D 106 3.99 29.64 2.85
CA LEU D 106 2.77 29.30 2.11
C LEU D 106 2.93 29.52 0.60
N PRO D 107 3.50 30.65 0.11
CA PRO D 107 3.66 30.85 -1.34
C PRO D 107 4.54 29.77 -2.02
N GLU D 108 5.63 29.37 -1.35
CA GLU D 108 6.58 28.32 -1.82
C GLU D 108 5.85 26.97 -1.86
N TRP D 109 5.13 26.65 -0.78
CA TRP D 109 4.26 25.44 -0.68
C TRP D 109 3.28 25.41 -1.86
N ARG D 110 2.56 26.49 -2.12
CA ARG D 110 1.56 26.57 -3.21
C ARG D 110 2.22 26.42 -4.59
N ARG D 111 3.41 26.99 -4.80
CA ARG D 111 4.15 26.86 -6.08
C ARG D 111 4.52 25.38 -6.29
N VAL D 112 4.98 24.69 -5.27
CA VAL D 112 5.30 23.24 -5.38
C VAL D 112 4.03 22.48 -5.76
N LEU D 113 2.89 22.78 -5.13
CA LEU D 113 1.59 22.13 -5.48
C LEU D 113 1.22 22.44 -6.93
N GLU D 114 1.40 23.68 -7.38
CA GLU D 114 1.02 24.13 -8.74
C GLU D 114 1.86 23.39 -9.77
N VAL D 115 3.18 23.34 -9.59
CA VAL D 115 4.10 22.73 -10.60
C VAL D 115 3.97 21.19 -10.55
N ASN D 116 3.89 20.61 -9.35
CA ASN D 116 4.10 19.16 -9.14
C ASN D 116 2.79 18.39 -9.27
N LEU D 117 1.67 19.06 -9.04
CA LEU D 117 0.35 18.38 -8.93
C LEU D 117 -0.65 19.02 -9.89
N THR D 118 -0.84 20.34 -9.85
CA THR D 118 -1.87 21.01 -10.70
C THR D 118 -1.43 20.95 -12.17
N ALA D 119 -0.15 21.18 -12.45
CA ALA D 119 0.37 21.17 -13.85
C ALA D 119 0.17 19.79 -14.48
N PRO D 120 0.59 18.68 -13.83
CA PRO D 120 0.31 17.36 -14.40
C PRO D 120 -1.17 17.12 -14.68
N MET D 121 -2.06 17.56 -13.80
CA MET D 121 -3.53 17.42 -14.00
C MET D 121 -3.91 18.16 -15.28
N HIS D 122 -3.52 19.42 -15.35
CA HIS D 122 -3.93 20.38 -16.41
C HIS D 122 -3.37 19.90 -17.74
N LEU D 123 -2.08 19.61 -17.80
CA LEU D 123 -1.41 19.08 -19.00
C LEU D 123 -2.04 17.75 -19.44
N SER D 124 -2.43 16.88 -18.50
CA SER D 124 -3.07 15.59 -18.82
C SER D 124 -4.40 15.87 -19.54
N ALA D 125 -5.20 16.80 -19.03
CA ALA D 125 -6.48 17.21 -19.67
C ALA D 125 -6.20 17.78 -21.08
N LEU D 126 -5.27 18.73 -21.20
CA LEU D 126 -4.93 19.38 -22.50
C LEU D 126 -4.45 18.32 -23.49
N ALA D 127 -3.52 17.46 -23.05
CA ALA D 127 -2.90 16.42 -23.88
C ALA D 127 -3.96 15.38 -24.29
N ALA D 128 -4.85 15.01 -23.36
CA ALA D 128 -5.94 14.02 -23.57
C ALA D 128 -6.82 14.45 -24.74
N ARG D 129 -7.12 15.75 -24.83
CA ARG D 129 -7.96 16.32 -25.92
C ARG D 129 -7.26 16.05 -27.26
N GLU D 130 -5.93 16.11 -27.31
CA GLU D 130 -5.14 15.90 -28.56
C GLU D 130 -5.01 14.41 -28.87
N MET D 131 -5.20 13.53 -27.88
CA MET D 131 -4.90 12.08 -27.98
C MET D 131 -6.05 11.27 -28.59
N ARG D 132 -7.27 11.82 -28.62
CA ARG D 132 -8.45 11.12 -29.22
C ARG D 132 -8.20 10.92 -30.72
N LYS D 133 -7.55 11.89 -31.35
CA LYS D 133 -7.50 12.05 -32.83
C LYS D 133 -7.00 10.74 -33.43
N PRO D 134 -5.68 10.42 -33.44
CA PRO D 134 -5.23 9.11 -33.90
C PRO D 134 -5.62 7.97 -32.93
N GLY D 135 -4.95 6.82 -33.04
CA GLY D 135 -5.07 5.66 -32.15
C GLY D 135 -4.82 6.03 -30.69
N PRO D 136 -4.45 5.07 -29.82
CA PRO D 136 -4.58 5.26 -28.37
C PRO D 136 -3.48 6.15 -27.76
N GLY D 137 -3.70 6.61 -26.54
CA GLY D 137 -2.83 7.57 -25.85
C GLY D 137 -2.27 7.02 -24.55
N ALA D 138 -1.20 7.58 -24.06
CA ALA D 138 -0.60 7.15 -22.78
C ALA D 138 -0.06 8.36 -22.07
N ILE D 139 -0.23 8.37 -20.75
CA ILE D 139 0.39 9.38 -19.86
C ILE D 139 1.22 8.63 -18.84
N VAL D 140 2.41 9.14 -18.59
CA VAL D 140 3.27 8.62 -17.49
C VAL D 140 3.65 9.81 -16.63
N ASN D 141 3.33 9.70 -15.34
CA ASN D 141 3.70 10.67 -14.30
C ASN D 141 4.96 10.16 -13.61
N VAL D 142 5.97 11.02 -13.49
CA VAL D 142 7.17 10.76 -12.66
C VAL D 142 6.84 11.23 -11.27
N ALA D 143 6.57 10.27 -10.39
CA ALA D 143 6.32 10.52 -8.97
C ALA D 143 7.67 10.42 -8.25
N SER D 144 7.73 9.67 -7.17
CA SER D 144 8.93 9.46 -6.33
C SER D 144 8.56 8.43 -5.26
N TYR D 145 9.55 7.76 -4.69
CA TYR D 145 9.36 6.98 -3.44
C TYR D 145 8.76 7.92 -2.37
N LEU D 146 9.01 9.23 -2.46
CA LEU D 146 8.48 10.26 -1.53
C LEU D 146 7.05 10.72 -1.90
N GLY D 147 6.38 10.06 -2.84
CA GLY D 147 4.91 10.11 -2.99
C GLY D 147 4.22 9.01 -2.18
N LEU D 148 4.96 7.96 -1.77
CA LEU D 148 4.44 6.78 -1.05
C LEU D 148 4.90 6.80 0.42
N PHE D 149 5.98 7.50 0.71
CA PHE D 149 6.55 7.69 2.08
C PHE D 149 6.89 9.17 2.22
N ALA D 150 7.13 9.60 3.45
CA ALA D 150 7.64 10.96 3.76
C ALA D 150 9.13 10.86 4.09
N GLU D 151 9.80 12.00 4.07
CA GLU D 151 11.13 12.20 4.70
C GLU D 151 11.05 13.53 5.46
N GLN D 152 12.05 13.82 6.29
CA GLN D 152 12.08 15.05 7.12
C GLN D 152 12.15 16.27 6.21
N GLU D 153 11.49 17.35 6.61
CA GLU D 153 11.74 18.72 6.08
C GLU D 153 11.49 18.75 4.57
N ASN D 154 10.41 18.14 4.09
CA ASN D 154 10.14 18.10 2.63
C ASN D 154 8.63 18.00 2.40
N ALA D 155 7.86 18.74 3.20
CA ALA D 155 6.39 18.57 3.30
C ALA D 155 5.76 18.81 1.92
N ALA D 156 6.12 19.90 1.24
CA ALA D 156 5.49 20.30 -0.05
C ALA D 156 5.70 19.20 -1.09
N TYR D 157 6.93 18.70 -1.22
CA TYR D 157 7.30 17.64 -2.17
C TYR D 157 6.54 16.35 -1.81
N ASN D 158 6.51 15.97 -0.54
CA ASN D 158 5.83 14.74 -0.05
C ASN D 158 4.34 14.82 -0.35
N ALA D 159 3.72 15.96 -0.03
CA ALA D 159 2.28 16.21 -0.22
C ALA D 159 1.95 16.20 -1.72
N SER D 160 2.73 16.89 -2.54
CA SER D 160 2.46 17.04 -3.99
C SER D 160 2.66 15.69 -4.70
N LYS D 161 3.68 14.92 -4.32
CA LYS D 161 3.95 13.61 -4.96
C LYS D 161 2.89 12.61 -4.48
N GLY D 162 2.45 12.71 -3.23
CA GLY D 162 1.30 11.94 -2.73
C GLY D 162 0.05 12.20 -3.56
N GLY D 163 -0.28 13.46 -3.82
CA GLY D 163 -1.41 13.87 -4.66
C GLY D 163 -1.26 13.34 -6.07
N LEU D 164 -0.05 13.37 -6.61
CA LEU D 164 0.26 12.93 -8.00
C LEU D 164 -0.01 11.43 -8.13
N VAL D 165 0.33 10.68 -7.12
CA VAL D 165 0.06 9.21 -7.08
C VAL D 165 -1.44 8.98 -7.20
N ASN D 166 -2.27 9.64 -6.39
CA ASN D 166 -3.73 9.37 -6.46
C ASN D 166 -4.30 10.07 -7.71
N LEU D 167 -3.71 11.18 -8.16
CA LEU D 167 -4.16 11.81 -9.43
C LEU D 167 -3.93 10.83 -10.60
N THR D 168 -2.82 10.10 -10.58
CA THR D 168 -2.52 9.08 -11.60
C THR D 168 -3.69 8.10 -11.66
N ARG D 169 -4.20 7.66 -10.50
CA ARG D 169 -5.30 6.67 -10.45
C ARG D 169 -6.58 7.33 -11.01
N SER D 170 -6.86 8.57 -10.59
CA SER D 170 -8.02 9.37 -11.04
C SER D 170 -8.01 9.52 -12.56
N LEU D 171 -6.90 10.00 -13.13
CA LEU D 171 -6.74 10.13 -14.60
C LEU D 171 -6.93 8.77 -15.26
N ALA D 172 -6.33 7.70 -14.72
CA ALA D 172 -6.46 6.33 -15.28
C ALA D 172 -7.95 6.02 -15.45
N LEU D 173 -8.75 6.29 -14.41
CA LEU D 173 -10.19 5.94 -14.45
C LEU D 173 -10.91 6.84 -15.43
N ASP D 174 -10.63 8.13 -15.42
CA ASP D 174 -11.41 9.14 -16.17
C ASP D 174 -11.01 9.13 -17.64
N LEU D 175 -9.76 8.74 -17.98
CA LEU D 175 -9.30 8.79 -19.38
C LEU D 175 -9.37 7.40 -20.06
N ALA D 176 -9.68 6.31 -19.33
CA ALA D 176 -9.86 4.97 -19.94
C ALA D 176 -10.89 5.03 -21.08
N PRO D 177 -12.04 5.73 -20.93
CA PRO D 177 -13.01 5.81 -22.03
C PRO D 177 -12.48 6.50 -23.30
N LEU D 178 -11.45 7.34 -23.17
CA LEU D 178 -10.77 7.95 -24.35
C LEU D 178 -9.65 7.04 -24.88
N ARG D 179 -9.58 5.78 -24.45
CA ARG D 179 -8.47 4.85 -24.77
C ARG D 179 -7.12 5.45 -24.36
N ILE D 180 -7.05 6.11 -23.20
CA ILE D 180 -5.75 6.63 -22.68
C ILE D 180 -5.42 5.86 -21.39
N ARG D 181 -4.23 5.26 -21.33
CA ARG D 181 -3.68 4.62 -20.12
C ARG D 181 -2.89 5.69 -19.35
N VAL D 182 -2.98 5.70 -18.03
CA VAL D 182 -2.22 6.65 -17.18
C VAL D 182 -1.55 5.84 -16.08
N ASN D 183 -0.23 5.93 -16.00
CA ASN D 183 0.60 5.20 -15.00
C ASN D 183 1.62 6.17 -14.44
N ALA D 184 2.27 5.77 -13.36
CA ALA D 184 3.36 6.55 -12.77
C ALA D 184 4.56 5.64 -12.53
N VAL D 185 5.73 6.25 -12.50
CA VAL D 185 6.98 5.64 -11.95
C VAL D 185 7.28 6.36 -10.64
N ALA D 186 7.78 5.63 -9.67
CA ALA D 186 8.25 6.12 -8.36
C ALA D 186 9.74 5.84 -8.28
N PRO D 187 10.61 6.72 -8.81
CA PRO D 187 12.04 6.46 -8.74
C PRO D 187 12.57 6.48 -7.31
N GLY D 188 13.60 5.70 -7.07
CA GLY D 188 14.46 5.82 -5.89
C GLY D 188 15.47 6.93 -6.13
N PHE D 189 16.64 6.84 -5.52
CA PHE D 189 17.70 7.86 -5.73
C PHE D 189 18.32 7.64 -7.11
N ILE D 190 18.17 8.63 -7.98
CA ILE D 190 18.67 8.60 -9.38
C ILE D 190 19.77 9.66 -9.52
N ALA D 191 20.92 9.25 -10.07
CA ALA D 191 22.14 10.07 -10.21
C ALA D 191 21.95 11.05 -11.37
N THR D 192 20.99 11.95 -11.24
CA THR D 192 20.84 13.14 -12.10
C THR D 192 21.81 14.21 -11.57
N GLU D 193 22.04 15.27 -12.33
CA GLU D 193 22.94 16.37 -11.94
C GLU D 193 22.43 16.96 -10.62
N ALA D 194 21.11 17.09 -10.47
CA ALA D 194 20.44 17.62 -9.26
C ALA D 194 20.91 16.81 -8.04
N LEU D 195 20.84 15.48 -8.09
CA LEU D 195 21.23 14.66 -6.93
C LEU D 195 22.76 14.70 -6.75
N LEU D 196 23.53 14.60 -7.83
CA LEU D 196 25.03 14.61 -7.72
C LEU D 196 25.51 15.95 -7.13
N GLU D 197 24.82 17.05 -7.42
CA GLU D 197 25.15 18.39 -6.87
C GLU D 197 24.95 18.36 -5.36
N LEU D 198 23.77 17.95 -4.91
CA LEU D 198 23.43 17.78 -3.46
C LEU D 198 24.52 16.94 -2.78
N ILE D 199 24.88 15.79 -3.35
CA ILE D 199 25.92 14.90 -2.76
C ILE D 199 27.26 15.65 -2.70
N ALA D 200 27.66 16.25 -3.81
CA ALA D 200 28.97 16.92 -4.02
C ALA D 200 29.17 18.00 -2.96
N LEU D 201 28.10 18.71 -2.58
CA LEU D 201 28.17 19.90 -1.69
C LEU D 201 27.84 19.46 -0.26
N SER D 202 27.82 18.16 0.01
CA SER D 202 27.59 17.61 1.37
C SER D 202 28.92 17.65 2.13
N PRO D 203 28.90 17.69 3.48
CA PRO D 203 30.14 17.65 4.27
C PRO D 203 31.13 16.54 3.89
N ASP D 204 30.62 15.33 3.60
CA ASP D 204 31.46 14.15 3.24
C ASP D 204 30.82 13.45 2.03
N PRO D 205 31.08 13.94 0.80
CA PRO D 205 30.40 13.41 -0.40
C PRO D 205 30.38 11.88 -0.50
N GLU D 206 31.51 11.23 -0.25
CA GLU D 206 31.67 9.77 -0.43
C GLU D 206 30.75 9.04 0.56
N ARG D 207 30.68 9.56 1.79
CA ARG D 207 29.89 8.94 2.88
C ARG D 207 28.40 9.14 2.56
N THR D 208 28.00 10.37 2.19
CA THR D 208 26.61 10.71 1.79
C THR D 208 26.17 9.77 0.67
N ARG D 209 26.99 9.62 -0.37
CA ARG D 209 26.62 8.77 -1.52
C ARG D 209 26.49 7.31 -1.07
N ARG D 210 27.46 6.81 -0.30
CA ARG D 210 27.46 5.43 0.26
C ARG D 210 26.16 5.19 1.04
N ASP D 211 25.76 6.14 1.89
CA ASP D 211 24.55 6.03 2.74
C ASP D 211 23.30 5.97 1.86
N MET D 212 23.24 6.77 0.80
CA MET D 212 22.12 6.77 -0.19
C MET D 212 22.09 5.43 -0.91
N GLU D 213 23.25 4.96 -1.37
CA GLU D 213 23.37 3.66 -2.08
C GLU D 213 22.83 2.54 -1.18
N ASP D 214 23.18 2.57 0.09
CA ASP D 214 22.90 1.48 1.06
C ASP D 214 21.39 1.39 1.33
N LEU D 215 20.61 2.42 1.01
CA LEU D 215 19.13 2.35 1.18
C LEU D 215 18.50 1.45 0.10
N HIS D 216 19.22 1.14 -0.98
CA HIS D 216 18.73 0.34 -2.12
C HIS D 216 19.25 -1.09 -1.97
N ALA D 217 18.41 -2.08 -2.27
CA ALA D 217 18.83 -3.49 -2.28
C ALA D 217 19.96 -3.64 -3.29
N LEU D 218 19.96 -2.88 -4.38
CA LEU D 218 21.01 -3.02 -5.42
C LEU D 218 22.27 -2.27 -4.98
N ARG D 219 22.23 -1.50 -3.88
CA ARG D 219 23.42 -0.86 -3.26
C ARG D 219 24.12 0.03 -4.29
N ARG D 220 23.35 0.78 -5.06
CA ARG D 220 23.85 1.78 -6.02
C ARG D 220 22.73 2.79 -6.29
N LEU D 221 23.08 3.92 -6.89
CA LEU D 221 22.10 4.93 -7.35
C LEU D 221 21.57 4.47 -8.71
N GLY D 222 20.35 4.88 -9.05
CA GLY D 222 19.80 4.60 -10.37
C GLY D 222 20.38 5.54 -11.40
N LYS D 223 20.32 5.13 -12.66
CA LYS D 223 20.69 5.99 -13.79
C LYS D 223 19.40 6.58 -14.32
N PRO D 224 19.42 7.84 -14.81
CA PRO D 224 18.26 8.44 -15.46
C PRO D 224 17.70 7.53 -16.57
N GLU D 225 18.58 6.87 -17.32
CA GLU D 225 18.22 5.97 -18.46
C GLU D 225 17.37 4.79 -17.96
N GLU D 226 17.60 4.32 -16.74
CA GLU D 226 16.87 3.20 -16.12
C GLU D 226 15.43 3.63 -15.82
N VAL D 227 15.22 4.88 -15.41
CA VAL D 227 13.85 5.43 -15.22
C VAL D 227 13.21 5.58 -16.61
N ALA D 228 13.97 6.07 -17.58
CA ALA D 228 13.48 6.26 -18.96
C ALA D 228 12.91 4.94 -19.51
N GLU D 229 13.61 3.82 -19.31
CA GLU D 229 13.19 2.49 -19.82
C GLU D 229 11.80 2.12 -19.24
N ALA D 230 11.57 2.38 -17.95
CA ALA D 230 10.29 2.09 -17.28
C ALA D 230 9.20 2.99 -17.86
N VAL D 231 9.52 4.25 -18.12
CA VAL D 231 8.57 5.22 -18.74
C VAL D 231 8.22 4.74 -20.16
N LEU D 232 9.24 4.41 -20.96
CA LEU D 232 9.03 3.89 -22.34
C LEU D 232 8.08 2.68 -22.30
N PHE D 233 8.36 1.73 -21.40
CA PHE D 233 7.53 0.51 -21.25
C PHE D 233 6.06 0.91 -20.97
N LEU D 234 5.83 1.73 -19.95
CA LEU D 234 4.46 2.11 -19.53
C LEU D 234 3.77 2.94 -20.61
N ALA D 235 4.51 3.67 -21.45
CA ALA D 235 3.91 4.51 -22.51
C ALA D 235 3.56 3.64 -23.72
N SER D 236 4.13 2.46 -23.83
CA SER D 236 4.09 1.59 -25.04
C SER D 236 2.89 0.66 -25.00
N GLU D 237 2.59 0.04 -26.15
CA GLU D 237 1.46 -0.93 -26.23
C GLU D 237 1.85 -2.27 -25.59
N LYS D 238 3.11 -2.44 -25.19
CA LYS D 238 3.51 -3.62 -24.38
C LYS D 238 2.80 -3.57 -23.01
N ALA D 239 2.45 -2.37 -22.54
CA ALA D 239 1.74 -2.13 -21.27
C ALA D 239 0.24 -1.91 -21.52
N SER D 240 -0.35 -2.54 -22.53
CA SER D 240 -1.76 -2.33 -22.96
C SER D 240 -2.77 -2.70 -21.85
N PHE D 241 -2.44 -3.61 -20.93
CA PHE D 241 -3.36 -3.88 -19.79
C PHE D 241 -2.87 -3.24 -18.48
N ILE D 242 -1.99 -2.23 -18.58
CA ILE D 242 -1.47 -1.54 -17.37
C ILE D 242 -1.99 -0.10 -17.39
N THR D 243 -2.83 0.23 -16.41
CA THR D 243 -3.29 1.62 -16.18
C THR D 243 -3.52 1.79 -14.69
N GLY D 244 -3.24 2.99 -14.18
CA GLY D 244 -3.46 3.32 -12.77
C GLY D 244 -2.39 2.72 -11.87
N ALA D 245 -1.31 2.19 -12.45
CA ALA D 245 -0.22 1.53 -11.73
C ALA D 245 0.83 2.56 -11.31
N ILE D 246 1.38 2.40 -10.12
CA ILE D 246 2.58 3.11 -9.62
C ILE D 246 3.73 2.12 -9.60
N LEU D 247 4.68 2.24 -10.53
CA LEU D 247 5.83 1.29 -10.68
C LEU D 247 7.05 1.88 -9.97
N PRO D 248 7.50 1.29 -8.84
CA PRO D 248 8.77 1.69 -8.24
C PRO D 248 9.93 1.35 -9.19
N VAL D 249 10.77 2.34 -9.43
CA VAL D 249 12.06 2.17 -10.14
C VAL D 249 13.12 2.66 -9.16
N ASP D 250 13.34 1.87 -8.12
CA ASP D 250 14.00 2.31 -6.88
C ASP D 250 15.02 1.29 -6.38
N GLY D 251 15.46 0.34 -7.19
CA GLY D 251 16.50 -0.62 -6.80
C GLY D 251 16.17 -1.32 -5.50
N GLY D 252 14.88 -1.48 -5.19
CA GLY D 252 14.41 -2.15 -3.96
C GLY D 252 14.33 -1.26 -2.74
N LEU D 253 14.50 0.05 -2.89
CA LEU D 253 14.42 1.06 -1.79
C LEU D 253 13.18 0.82 -0.91
N THR D 254 12.00 0.74 -1.51
CA THR D 254 10.71 0.73 -0.78
C THR D 254 10.31 -0.69 -0.37
N ALA D 255 11.11 -1.70 -0.72
CA ALA D 255 10.84 -3.11 -0.38
C ALA D 255 11.38 -3.45 1.03
N SER D 256 12.21 -2.60 1.67
CA SER D 256 12.81 -2.85 3.01
C SER D 256 13.30 -1.57 3.71
N PHE D 257 13.83 -1.69 4.94
CA PHE D 257 14.44 -0.58 5.75
C PHE D 257 15.93 -0.83 6.01
PA NAD E . -19.59 17.67 5.18
O1A NAD E . -20.68 17.82 6.19
O2A NAD E . -19.77 18.18 3.81
O5B NAD E . -18.21 18.33 5.70
C5B NAD E . -17.78 18.66 7.02
C4B NAD E . -17.85 20.16 7.26
O4B NAD E . -16.75 20.87 6.64
C3B NAD E . -19.13 20.88 6.78
O3B NAD E . -19.88 21.14 7.95
C2B NAD E . -18.58 22.09 6.00
O2B NAD E . -19.30 23.29 6.22
C1B NAD E . -17.17 22.22 6.56
N9A NAD E . -16.30 23.04 5.71
C8A NAD E . -16.02 22.80 4.39
N7A NAD E . -15.25 23.70 3.85
C5A NAD E . -15.03 24.64 4.86
C6A NAD E . -14.31 25.84 4.89
N6A NAD E . -13.71 26.37 3.82
N1A NAD E . -14.32 26.55 6.03
C2A NAD E . -14.96 26.03 7.08
N3A NAD E . -15.68 24.91 7.17
C4A NAD E . -15.67 24.23 6.01
O3 NAD E . -19.33 16.08 5.06
PN NAD E . -18.92 14.86 6.04
O1N NAD E . -19.50 13.60 5.48
O2N NAD E . -19.23 15.21 7.46
O5D NAD E . -17.31 14.86 5.79
C5D NAD E . -16.34 15.05 6.89
C4D NAD E . -14.95 14.62 6.44
O4D NAD E . -14.94 13.19 6.19
C3D NAD E . -14.41 15.26 5.17
O3D NAD E . -13.00 15.49 5.26
C2D NAD E . -14.79 14.26 4.08
O2D NAD E . -14.03 14.47 2.90
C1D NAD E . -14.47 12.96 4.83
N1N NAD E . -15.15 11.75 4.28
C2N NAD E . -16.55 11.62 4.29
C3N NAD E . -17.14 10.46 3.83
C7N NAD E . -18.63 10.21 3.91
O7N NAD E . -19.09 9.24 3.32
N7N NAD E . -19.37 11.05 4.62
C4N NAD E . -16.33 9.49 3.23
C5N NAD E . -14.96 9.53 3.45
C6N NAD E . -14.39 10.71 3.83
C1 B3P F . -18.60 20.27 28.67
C2 B3P F . -19.28 18.93 28.87
C3 B3P F . -17.58 20.69 29.72
N1 B3P F . -17.49 19.80 30.87
C4 B3P F . -16.28 19.86 31.75
C5 B3P F . -15.05 19.32 31.04
C6 B3P F . -16.58 18.93 32.94
C7 B3P F . -16.01 21.29 32.25
N2 B3P F . -20.20 18.91 30.01
C8 B3P F . -20.55 17.60 30.64
C9 B3P F . -19.30 16.97 31.27
C10 B3P F . -21.19 16.62 29.64
C11 B3P F . -21.56 17.90 31.74
O1 B3P F . -18.42 16.33 30.34
O2 B3P F . -21.49 15.36 30.22
O3 B3P F . -22.27 19.09 31.48
O4 B3P F . -14.13 18.74 31.98
O5 B3P F . -16.52 17.57 32.57
O6 B3P F . -14.63 21.59 32.28
PA NAD G . -4.02 -22.08 -14.91
O1A NAD G . -4.09 -22.46 -16.35
O2A NAD G . -4.85 -22.84 -13.92
O5B NAD G . -2.53 -22.28 -14.34
C5B NAD G . -1.33 -22.38 -15.05
C4B NAD G . -0.74 -23.75 -14.87
O4B NAD G . -0.39 -24.06 -13.49
C3B NAD G . -1.64 -24.92 -15.32
O3B NAD G . -1.10 -25.39 -16.55
C2B NAD G . -1.52 -25.94 -14.18
O2B NAD G . -1.49 -27.27 -14.64
C1B NAD G . -0.23 -25.46 -13.51
N9A NAD G . 0.01 -26.04 -12.19
C8A NAD G . -0.79 -25.96 -11.09
N7A NAD G . -0.37 -26.65 -10.06
C5A NAD G . 0.80 -27.24 -10.52
C6A NAD G . 1.71 -28.11 -9.90
N6A NAD G . 1.57 -28.53 -8.65
N1A NAD G . 2.79 -28.53 -10.62
C2A NAD G . 2.92 -28.09 -11.89
N3A NAD G . 2.09 -27.30 -12.57
C4A NAD G . 1.04 -26.89 -11.84
O3 NAD G . -4.37 -20.53 -14.76
PN NAD G . -3.81 -19.11 -15.25
O1N NAD G . -4.96 -18.17 -15.21
O2N NAD G . -2.99 -19.23 -16.48
O5D NAD G . -2.85 -18.84 -13.98
C5D NAD G . -1.50 -18.37 -14.16
C4D NAD G . -1.03 -17.63 -12.92
O4D NAD G . -1.68 -16.33 -12.86
C3D NAD G . -1.31 -18.26 -11.55
O3D NAD G . -0.33 -17.92 -10.57
C2D NAD G . -2.66 -17.62 -11.20
O2D NAD G . -2.96 -17.73 -9.82
C1D NAD G . -2.33 -16.19 -11.61
N1N NAD G . -3.51 -15.32 -11.80
C2N NAD G . -4.46 -15.58 -12.80
C3N NAD G . -5.54 -14.71 -12.96
C7N NAD G . -6.53 -14.89 -14.08
O7N NAD G . -7.52 -14.17 -14.09
N7N NAD G . -6.27 -15.80 -15.01
C4N NAD G . -5.68 -13.63 -12.09
C5N NAD G . -4.58 -13.24 -11.35
C6N NAD G . -3.62 -14.18 -11.05
C1 GOL H . -1.18 -18.86 -27.80
O1 GOL H . -0.99 -20.27 -27.75
C2 GOL H . -1.73 -18.32 -26.50
O2 GOL H . -0.79 -18.46 -25.43
C3 GOL H . -2.14 -16.87 -26.65
O3 GOL H . -2.26 -16.22 -25.39
C1 GOL I . 1.95 -6.99 1.75
O1 GOL I . 3.10 -7.74 2.16
C2 GOL I . 0.94 -7.95 1.19
O2 GOL I . 1.07 -9.17 1.90
C3 GOL I . -0.49 -7.47 1.27
O3 GOL I . -1.37 -8.60 1.38
PA NAD J . 7.88 -13.76 21.80
O1A NAD J . 7.94 -13.49 23.28
O2A NAD J . 8.94 -14.50 21.07
O5B NAD J . 6.52 -14.48 21.35
C5B NAD J . 5.24 -14.57 21.98
C4B NAD J . 4.99 -15.97 22.48
O4B NAD J . 4.67 -16.91 21.42
C3B NAD J . 6.14 -16.61 23.27
O3B NAD J . 5.71 -16.61 24.63
C2B NAD J . 6.32 -17.99 22.61
O2B NAD J . 6.62 -19.01 23.53
C1B NAD J . 4.96 -18.19 21.96
N9A NAD J . 4.94 -19.25 20.96
C8A NAD J . 5.75 -19.35 19.86
N7A NAD J . 5.55 -20.44 19.15
C5A NAD J . 4.55 -21.12 19.82
C6A NAD J . 3.89 -22.34 19.56
N6A NAD J . 4.18 -23.13 18.53
N1A NAD J . 2.91 -22.71 20.40
C2A NAD J . 2.63 -21.91 21.44
N3A NAD J . 3.21 -20.77 21.83
C4A NAD J . 4.16 -20.40 20.94
O3 NAD J . 7.91 -12.29 21.15
PN NAD J . 7.15 -10.88 21.18
O1N NAD J . 8.20 -9.85 20.94
O2N NAD J . 6.22 -10.80 22.36
O5D NAD J . 6.24 -11.00 19.83
C5D NAD J . 4.81 -11.33 19.87
C4D NAD J . 4.22 -11.16 18.49
O4D NAD J . 4.49 -9.83 18.00
C3D NAD J . 4.72 -12.10 17.38
O3D NAD J . 3.64 -12.28 16.46
C2D NAD J . 5.89 -11.28 16.81
O2D NAD J . 6.34 -11.74 15.55
C1D NAD J . 5.19 -9.93 16.76
N1N NAD J . 6.08 -8.73 16.61
C2N NAD J . 7.03 -8.43 17.57
C3N NAD J . 7.96 -7.42 17.29
C7N NAD J . 8.92 -6.92 18.34
O7N NAD J . 9.61 -5.93 18.07
N7N NAD J . 8.96 -7.51 19.52
C4N NAD J . 7.99 -6.88 16.00
C5N NAD J . 6.91 -7.04 15.16
C6N NAD J . 5.90 -7.89 15.54
C1 GOL K . -2.06 6.92 -2.08
O1 GOL K . -2.54 8.04 -2.83
C2 GOL K . -1.09 7.33 -1.00
O2 GOL K . -0.19 6.26 -0.69
C3 GOL K . -0.29 8.56 -1.37
O3 GOL K . 0.78 8.77 -0.44
PA NAD L . 15.73 18.13 -12.11
O1A NAD L . 16.90 18.13 -13.03
O2A NAD L . 15.66 19.17 -11.04
O5B NAD L . 14.34 18.26 -12.88
C5B NAD L . 14.13 18.11 -14.28
C4B NAD L . 13.71 19.41 -14.91
O4B NAD L . 12.48 19.97 -14.36
C3B NAD L . 14.74 20.54 -14.84
O3B NAD L . 15.25 20.68 -16.14
C2B NAD L . 13.91 21.74 -14.37
O2B NAD L . 14.31 22.94 -14.98
C1B NAD L . 12.51 21.30 -14.80
N9A NAD L . 11.46 22.16 -14.25
C8A NAD L . 11.27 22.48 -12.93
N7A NAD L . 10.30 23.33 -12.72
C5A NAD L . 9.86 23.65 -13.99
C6A NAD L . 8.86 24.54 -14.44
N6A NAD L . 8.16 25.30 -13.62
N1A NAD L . 8.69 24.67 -15.79
C2A NAD L . 9.44 23.91 -16.59
N3A NAD L . 10.39 23.02 -16.27
C4A NAD L . 10.56 22.94 -14.94
O3 NAD L . 15.72 16.69 -11.41
PN NAD L . 15.57 15.15 -11.78
O1N NAD L . 16.32 14.34 -10.76
O2N NAD L . 15.84 14.90 -13.24
O5D NAD L . 14.00 15.03 -11.51
C5D NAD L . 13.09 14.61 -12.55
C4D NAD L . 11.82 14.10 -11.91
O4D NAD L . 12.14 12.92 -11.16
C3D NAD L . 11.10 15.03 -10.93
O3D NAD L . 9.69 14.80 -10.99
C2D NAD L . 11.64 14.57 -9.57
O2D NAD L . 10.80 14.93 -8.48
C1D NAD L . 11.62 13.05 -9.84
N1N NAD L . 12.45 12.22 -8.92
C2N NAD L . 13.85 12.34 -8.90
C3N NAD L . 14.61 11.52 -8.06
C7N NAD L . 16.13 11.58 -8.06
O7N NAD L . 16.75 10.96 -7.20
N7N NAD L . 16.73 12.30 -9.02
C4N NAD L . 13.94 10.66 -7.18
C5N NAD L . 12.57 10.45 -7.33
C6N NAD L . 11.84 11.26 -8.17
#